data_6ZJT
#
_entry.id   6ZJT
#
_cell.length_a   138.974
_cell.length_b   138.974
_cell.length_c   127.699
_cell.angle_alpha   90.000
_cell.angle_beta   90.000
_cell.angle_gamma   120.000
#
_symmetry.space_group_name_H-M   'P 31 2 1'
#
loop_
_entity.id
_entity.type
_entity.pdbx_description
1 polymer Beta-galactosidase
2 branched beta-D-galactopyranose-(1-4)-beta-D-fructofuranose
3 non-polymer beta-D-galactopyranose
4 non-polymer 'ACETATE ION'
5 non-polymer 'SODIUM ION'
6 water water
#
_entity_poly.entity_id   1
_entity_poly.type   'polypeptide(L)'
_entity_poly.pdbx_seq_one_letter_code
;MSVETPSALADSSPHTAPGSAGRSLELGAADIQDLESFEAGRGALPARAYLQSDAPRLSLNGEWQFRLSPGSRVAPDDGW
QLGEALNGFESLPVPSSWPMHGHGAPAYTNVQFPFAVEPPHVPEANPIGDHLVVFEAGPEFFPHALLRFDGIESAGTVWL
NGVELGTTRGSRLAHEFDVSGILEQGENTLAVRVAQFSAASYVEDQDMWWLPGIFRDVTLQARPAAGIDDVFVHAGYDHI
TGEGILKVEASRGGQAIDAVVRVPELALELAAGTEVRVPAVEPWSAEVPKLYEAAVSAAGESVALQIGFRSIAIEDAQFK
VNGRRILLRGVNRHEHHPRLGRVVPRDVVEAELRLMKQHNINAIRTSHYPPHPQFLALADQLGFYVVLECDLETHGFESA
GWAQNPSDDPQWEDALVDRMRRTVERDKNHASVVMWSLGNQAGTGRNLAAMSRWTKDRDPSRPIHYEGDWSSEHVDVYSR
MYASQAETALIGQGIEPALNDAALDARRRAMPFVLCEYVHAMGNGPGGMSEYQALFEKYPRLMGGFVWEWLEHGITVSTA
DGVDHYGYGGDFGEEVHDGNFVTDGLVDADRRPRPGLLDFKKVIEPLRIDVARDWTGFTLRNGQDFADTSAFSFRYEVEA
DGGALDGGTVDVAPVAPQSETVVELPGSVAALAAGLSDGRPAVLTVRAVLGADSAWADAGHEVAWGQSVREPGAPVPPAP
VEPVQVQDSELTLGPVVFSRATGMPTSIGGVPVEKLGLTLWWAPTDNDLGREWGGADERPLATQWKDAGLNRLHTRLLGI
SANPGQDGGETLTVRTRVSAADKQYGVLVDYTWSTDGETVGLRTQVRRDGTWVNRGFEVEWARIGLEFVLGEETELVSWF
GQGPHQSYPDTGQGARAGWFSLPLAKMDVEYVRPQECGARSGSRSAALQLGGRTLEICGDPFALTVRPYSQDVLDAAAHR
PDLKADGRTYLYVDHALRGVGTAACGPGVLEQYRLKPRDADFILTLKVRS
;
_entity_poly.pdbx_strand_id   A
#
# COMPACT_ATOMS: atom_id res chain seq x y z
N GLY A 22 -6.80 -6.25 56.50
CA GLY A 22 -5.50 -6.27 57.15
C GLY A 22 -4.49 -5.35 56.51
N ARG A 23 -3.26 -5.84 56.35
CA ARG A 23 -2.19 -5.06 55.76
C ARG A 23 -2.22 -5.15 54.24
N SER A 24 -1.36 -4.37 53.59
CA SER A 24 -1.25 -4.38 52.13
C SER A 24 0.22 -4.36 51.78
N LEU A 25 0.70 -5.41 51.10
CA LEU A 25 2.14 -5.60 50.93
C LEU A 25 2.58 -5.52 49.48
N GLU A 26 1.66 -5.31 48.54
CA GLU A 26 2.04 -5.32 47.14
C GLU A 26 2.79 -4.03 46.78
N LEU A 27 3.54 -4.09 45.67
CA LEU A 27 4.46 -3.04 45.27
C LEU A 27 3.92 -2.31 44.05
N GLY A 28 4.13 -1.00 44.00
CA GLY A 28 3.81 -0.25 42.80
C GLY A 28 2.34 0.00 42.56
N ALA A 29 1.50 -0.21 43.58
CA ALA A 29 0.06 -0.02 43.40
C ALA A 29 -0.27 1.36 42.85
N ALA A 30 0.49 2.38 43.23
CA ALA A 30 0.18 3.75 42.83
C ALA A 30 0.53 3.98 41.36
N ASP A 31 1.73 3.58 40.94
CA ASP A 31 2.09 3.70 39.53
C ASP A 31 1.06 2.99 38.65
N ILE A 32 0.57 1.84 39.11
CA ILE A 32 -0.33 1.04 38.29
C ILE A 32 -1.71 1.69 38.26
N GLN A 33 -2.14 2.26 39.38
CA GLN A 33 -3.42 2.94 39.41
C GLN A 33 -3.44 4.14 38.47
N ASP A 34 -2.31 4.84 38.34
CA ASP A 34 -2.21 5.91 37.35
C ASP A 34 -2.28 5.35 35.93
N LEU A 35 -1.57 4.25 35.68
CA LEU A 35 -1.63 3.65 34.36
C LEU A 35 -3.03 3.20 34.01
N GLU A 36 -3.84 2.84 35.01
CA GLU A 36 -5.20 2.37 34.80
C GLU A 36 -6.22 3.51 34.70
N SER A 37 -5.76 4.75 34.54
CA SER A 37 -6.63 5.90 34.53
C SER A 37 -7.40 6.01 33.22
N PHE A 38 -8.70 6.34 33.35
CA PHE A 38 -9.58 6.63 32.21
C PHE A 38 -9.43 8.04 31.68
N GLU A 39 -8.59 8.86 32.29
CA GLU A 39 -8.58 10.29 31.98
C GLU A 39 -7.51 10.61 30.97
N ALA A 40 -7.61 11.81 30.39
CA ALA A 40 -6.56 12.31 29.52
C ALA A 40 -5.30 12.60 30.32
N GLY A 41 -4.29 13.13 29.66
CA GLY A 41 -3.11 13.55 30.37
C GLY A 41 -3.43 14.70 31.32
N ARG A 42 -2.68 14.78 32.40
CA ARG A 42 -2.86 15.85 33.38
C ARG A 42 -1.70 16.82 33.32
N GLY A 43 -2.00 18.08 33.69
CA GLY A 43 -0.99 19.11 33.83
C GLY A 43 -0.54 19.74 32.54
N ALA A 44 -1.21 19.45 31.44
CA ALA A 44 -0.79 19.92 30.11
C ALA A 44 -1.50 21.21 29.76
N LEU A 45 -0.81 22.02 28.95
CA LEU A 45 -1.37 23.25 28.42
C LEU A 45 -2.48 22.95 27.43
N PRO A 46 -3.36 23.92 27.15
CA PRO A 46 -4.44 23.66 26.19
C PRO A 46 -3.89 23.17 24.84
N ALA A 47 -4.70 22.36 24.15
CA ALA A 47 -4.32 21.88 22.83
C ALA A 47 -4.37 23.02 21.82
N ARG A 48 -3.38 23.07 20.95
CA ARG A 48 -3.27 24.13 19.97
C ARG A 48 -2.65 23.59 18.69
N ALA A 49 -2.57 24.46 17.68
CA ALA A 49 -1.93 24.13 16.43
C ALA A 49 -0.42 23.96 16.60
N TYR A 50 0.15 23.21 15.67
CA TYR A 50 1.59 23.14 15.47
C TYR A 50 1.98 24.28 14.54
N LEU A 51 2.79 25.22 15.05
CA LEU A 51 3.02 26.50 14.40
C LEU A 51 4.52 26.77 14.26
N GLN A 52 4.93 27.17 13.07
CA GLN A 52 6.27 27.68 12.82
C GLN A 52 6.39 29.08 13.40
N SER A 53 7.23 29.24 14.44
CA SER A 53 7.31 30.49 15.18
C SER A 53 8.74 31.00 15.26
N ASP A 54 8.88 32.32 15.37
CA ASP A 54 10.21 32.90 15.59
C ASP A 54 10.62 32.86 17.05
N ALA A 55 9.84 32.21 17.91
CA ALA A 55 10.21 32.12 19.31
C ALA A 55 11.42 31.20 19.48
N PRO A 56 12.33 31.52 20.42
CA PRO A 56 13.48 30.64 20.66
C PRO A 56 13.05 29.20 20.94
N ARG A 57 13.84 28.26 20.43
CA ARG A 57 13.51 26.86 20.57
C ARG A 57 14.80 26.05 20.63
N LEU A 58 14.75 24.97 21.40
CA LEU A 58 15.87 24.05 21.54
C LEU A 58 15.35 22.63 21.43
N SER A 59 15.87 21.88 20.46
CA SER A 59 15.52 20.46 20.34
C SER A 59 16.34 19.64 21.33
N LEU A 60 15.66 18.79 22.08
CA LEU A 60 16.33 17.87 22.99
C LEU A 60 16.57 16.50 22.35
N ASN A 61 16.28 16.36 21.06
CA ASN A 61 16.64 15.13 20.36
C ASN A 61 18.15 14.94 20.44
N GLY A 62 18.56 13.69 20.57
CA GLY A 62 19.96 13.36 20.74
C GLY A 62 20.11 12.09 21.56
N GLU A 63 21.27 11.95 22.19
CA GLU A 63 21.58 10.76 22.97
C GLU A 63 21.08 10.97 24.41
N TRP A 64 19.99 10.29 24.76
CA TRP A 64 19.51 10.28 26.14
C TRP A 64 20.05 9.05 26.88
N GLN A 65 19.83 9.03 28.19
CA GLN A 65 20.08 7.85 29.02
C GLN A 65 18.76 7.12 29.27
N PHE A 66 18.82 5.78 29.29
CA PHE A 66 17.62 4.95 29.30
C PHE A 66 17.79 3.73 30.18
N ARG A 67 16.80 3.44 31.01
CA ARG A 67 16.77 2.23 31.82
C ARG A 67 15.44 1.54 31.65
N LEU A 68 15.48 0.22 31.50
CA LEU A 68 14.31 -0.60 31.24
C LEU A 68 14.04 -1.53 32.42
N SER A 69 12.81 -1.49 32.93
CA SER A 69 12.34 -2.40 33.96
C SER A 69 11.14 -3.17 33.43
N PRO A 70 10.96 -4.43 33.85
CA PRO A 70 9.92 -5.27 33.22
C PRO A 70 8.49 -4.95 33.65
N GLY A 71 8.29 -4.15 34.70
CA GLY A 71 6.94 -3.82 35.13
C GLY A 71 7.00 -2.72 36.17
N SER A 72 5.83 -2.20 36.50
CA SER A 72 5.76 -1.09 37.46
C SER A 72 6.21 -1.54 38.85
N ARG A 73 5.90 -2.78 39.23
CA ARG A 73 6.18 -3.21 40.59
C ARG A 73 7.68 -3.30 40.87
N VAL A 74 8.52 -3.41 39.85
CA VAL A 74 9.96 -3.48 40.05
C VAL A 74 10.68 -2.31 39.43
N ALA A 75 9.97 -1.35 38.85
CA ALA A 75 10.61 -0.14 38.36
C ALA A 75 11.15 0.64 39.56
N PRO A 76 12.45 0.90 39.63
CA PRO A 76 13.00 1.53 40.84
C PRO A 76 12.43 2.93 41.09
N ASP A 77 12.15 3.18 42.36
CA ASP A 77 11.83 4.51 42.84
C ASP A 77 13.01 5.03 43.65
N ASP A 78 14.09 5.35 42.94
CA ASP A 78 15.38 5.66 43.56
C ASP A 78 15.84 7.07 43.21
N GLY A 79 14.91 8.01 43.13
CA GLY A 79 15.24 9.38 42.81
C GLY A 79 15.99 9.57 41.52
N TRP A 80 15.93 8.59 40.60
CA TRP A 80 16.62 8.68 39.33
C TRP A 80 16.26 9.94 38.55
N GLN A 81 15.08 10.52 38.80
CA GLN A 81 14.69 11.74 38.12
C GLN A 81 15.69 12.88 38.31
N LEU A 82 16.51 12.85 39.37
CA LEU A 82 17.43 13.94 39.65
C LEU A 82 18.72 13.89 38.83
N GLY A 83 19.01 12.77 38.18
CA GLY A 83 20.12 12.69 37.25
C GLY A 83 21.44 12.25 37.83
N GLU A 84 21.56 12.18 39.16
CA GLU A 84 22.80 11.78 39.80
C GLU A 84 22.69 10.36 40.30
N ALA A 85 23.83 9.67 40.32
CA ALA A 85 23.91 8.28 40.75
C ALA A 85 22.96 7.40 39.93
N LEU A 86 23.23 7.33 38.62
CA LEU A 86 22.41 6.54 37.69
C LEU A 86 23.08 5.20 37.45
N ASN A 87 22.58 4.17 38.11
CA ASN A 87 22.99 2.80 37.84
C ASN A 87 21.91 2.10 37.01
N GLY A 88 22.35 1.28 36.07
CA GLY A 88 21.44 0.62 35.18
C GLY A 88 21.05 1.42 33.95
N PHE A 89 21.53 2.66 33.83
CA PHE A 89 21.20 3.48 32.68
C PHE A 89 22.27 3.36 31.60
N GLU A 90 21.82 3.34 30.35
CA GLU A 90 22.69 3.29 29.19
C GLU A 90 22.17 4.28 28.15
N SER A 91 22.98 4.52 27.12
CA SER A 91 22.65 5.50 26.12
C SER A 91 21.58 4.96 25.17
N LEU A 92 20.69 5.87 24.73
CA LEU A 92 19.61 5.56 23.81
C LEU A 92 19.25 6.82 23.05
N PRO A 93 19.17 6.77 21.73
CA PRO A 93 18.72 7.96 20.99
C PRO A 93 17.24 8.23 21.24
N VAL A 94 16.88 9.51 21.16
CA VAL A 94 15.51 9.98 21.25
C VAL A 94 15.32 11.06 20.19
N PRO A 95 14.28 11.00 19.34
CA PRO A 95 13.17 10.03 19.38
C PRO A 95 13.58 8.60 19.03
N SER A 96 12.84 7.63 19.57
CA SER A 96 13.11 6.23 19.29
C SER A 96 11.90 5.37 19.64
N SER A 97 11.79 4.24 18.94
CA SER A 97 10.96 3.11 19.39
C SER A 97 11.92 2.09 19.99
N TRP A 98 11.89 1.96 21.32
CA TRP A 98 13.04 1.35 21.97
C TRP A 98 13.20 -0.15 21.67
N PRO A 99 12.15 -0.91 21.37
CA PRO A 99 12.38 -2.32 20.98
C PRO A 99 13.22 -2.46 19.74
N MET A 100 13.37 -1.41 18.94
CA MET A 100 14.18 -1.43 17.74
C MET A 100 15.67 -1.32 18.04
N HIS A 101 16.03 -1.15 19.31
CA HIS A 101 17.40 -0.96 19.76
C HIS A 101 17.76 -1.99 20.82
N GLY A 102 17.30 -3.22 20.64
CA GLY A 102 17.67 -4.32 21.51
C GLY A 102 16.85 -4.45 22.77
N HIS A 103 16.21 -3.38 23.23
CA HIS A 103 15.49 -3.38 24.50
C HIS A 103 14.12 -4.03 24.28
N GLY A 104 14.03 -5.31 24.64
CA GLY A 104 12.82 -6.05 24.34
C GLY A 104 12.80 -6.46 22.87
N ALA A 105 11.59 -6.60 22.33
CA ALA A 105 11.42 -7.01 20.94
C ALA A 105 10.14 -6.41 20.39
N PRO A 106 10.11 -6.05 19.11
CA PRO A 106 8.83 -5.71 18.47
C PRO A 106 7.84 -6.88 18.61
N ALA A 107 6.55 -6.53 18.52
CA ALA A 107 5.51 -7.54 18.60
C ALA A 107 4.36 -7.10 17.72
N TYR A 108 3.87 -8.00 16.86
CA TYR A 108 2.81 -7.68 15.92
C TYR A 108 1.55 -8.47 16.23
N THR A 109 0.45 -7.77 16.55
CA THR A 109 -0.88 -8.33 16.47
C THR A 109 -1.71 -7.47 15.53
N ASN A 110 -2.69 -8.10 14.88
CA ASN A 110 -3.62 -7.39 14.01
C ASN A 110 -4.78 -6.87 14.84
N VAL A 111 -5.73 -7.77 15.17
CA VAL A 111 -6.89 -7.44 15.98
C VAL A 111 -6.65 -7.79 17.44
N GLN A 112 -6.15 -8.99 17.69
CA GLN A 112 -6.01 -9.48 19.05
C GLN A 112 -5.11 -8.57 19.89
N PHE A 113 -5.56 -8.29 21.11
CA PHE A 113 -4.69 -7.63 22.05
C PHE A 113 -3.63 -8.62 22.53
N PRO A 114 -2.42 -8.13 22.81
CA PRO A 114 -1.38 -9.00 23.36
C PRO A 114 -1.51 -9.22 24.85
N PHE A 115 -2.53 -8.66 25.48
CA PHE A 115 -2.75 -8.76 26.91
C PHE A 115 -4.21 -9.11 27.13
N ALA A 116 -4.49 -9.64 28.31
CA ALA A 116 -5.86 -9.95 28.67
C ALA A 116 -6.74 -8.72 28.59
N VAL A 117 -7.97 -8.92 28.14
CA VAL A 117 -8.89 -7.81 27.92
C VAL A 117 -9.74 -7.66 29.17
N GLU A 118 -9.39 -6.66 29.98
CA GLU A 118 -10.12 -6.36 31.21
C GLU A 118 -9.85 -4.90 31.53
N PRO A 119 -10.40 -3.97 30.74
CA PRO A 119 -10.06 -2.58 30.94
C PRO A 119 -10.53 -2.11 32.30
N PRO A 120 -9.79 -1.19 32.92
CA PRO A 120 -8.60 -0.50 32.41
C PRO A 120 -7.29 -1.18 32.80
N HIS A 121 -7.35 -2.45 33.20
CA HIS A 121 -6.20 -3.06 33.86
C HIS A 121 -5.10 -3.40 32.87
N VAL A 122 -3.88 -3.53 33.38
CA VAL A 122 -2.68 -3.72 32.56
C VAL A 122 -1.95 -4.96 33.05
N PRO A 123 -1.24 -5.66 32.16
CA PRO A 123 -0.55 -6.88 32.57
C PRO A 123 0.62 -6.59 33.48
N GLU A 124 1.06 -7.62 34.18
CA GLU A 124 2.21 -7.47 35.05
C GLU A 124 3.47 -7.27 34.24
N ALA A 125 3.56 -7.93 33.09
CA ALA A 125 4.65 -7.75 32.15
C ALA A 125 4.35 -6.50 31.34
N ASN A 126 4.91 -5.37 31.76
CA ASN A 126 4.66 -4.08 31.13
C ASN A 126 5.97 -3.32 31.09
N PRO A 127 6.72 -3.40 29.98
CA PRO A 127 8.00 -2.69 29.92
C PRO A 127 7.91 -1.21 30.33
N ILE A 128 8.71 -0.82 31.33
CA ILE A 128 8.76 0.55 31.84
C ILE A 128 10.10 1.15 31.45
N GLY A 129 10.06 2.23 30.67
CA GLY A 129 11.24 2.92 30.19
C GLY A 129 11.48 4.29 30.81
N ASP A 130 12.59 4.43 31.52
CA ASP A 130 12.94 5.66 32.20
C ASP A 130 13.94 6.44 31.33
N HIS A 131 13.54 7.61 30.87
CA HIS A 131 14.35 8.43 29.99
C HIS A 131 14.83 9.67 30.72
N LEU A 132 16.09 10.03 30.50
CA LEU A 132 16.68 11.16 31.22
C LEU A 132 17.65 11.89 30.30
N VAL A 133 17.61 13.22 30.34
CA VAL A 133 18.51 14.03 29.52
C VAL A 133 18.83 15.31 30.26
N VAL A 134 20.09 15.75 30.14
CA VAL A 134 20.57 17.01 30.69
C VAL A 134 20.82 17.96 29.53
N PHE A 135 20.39 19.21 29.69
CA PHE A 135 20.54 20.20 28.64
C PHE A 135 20.73 21.58 29.27
N GLU A 136 21.07 22.54 28.42
CA GLU A 136 21.34 23.91 28.85
C GLU A 136 20.25 24.83 28.34
N ALA A 137 19.69 25.63 29.25
CA ALA A 137 18.65 26.60 28.94
C ALA A 137 19.22 28.01 29.05
N GLY A 138 19.47 28.65 27.90
CA GLY A 138 19.93 30.01 27.89
C GLY A 138 18.93 30.96 28.50
N PRO A 139 19.29 32.24 28.57
CA PRO A 139 18.37 33.23 29.16
C PRO A 139 17.15 33.53 28.29
N GLU A 140 17.22 33.24 27.00
CA GLU A 140 16.09 33.49 26.11
C GLU A 140 14.90 32.56 26.37
N PHE A 141 15.02 31.61 27.28
CA PHE A 141 13.90 30.76 27.67
C PHE A 141 13.27 31.20 28.97
N PHE A 142 13.54 32.43 29.39
CA PHE A 142 13.01 33.00 30.62
C PHE A 142 12.45 34.38 30.32
N PRO A 143 11.40 34.78 31.04
CA PRO A 143 10.75 34.05 32.12
C PRO A 143 9.90 32.83 31.74
N HIS A 144 9.22 32.81 30.58
CA HIS A 144 8.25 31.75 30.30
C HIS A 144 8.75 30.84 29.18
N ALA A 145 8.42 29.56 29.32
CA ALA A 145 8.83 28.56 28.36
C ALA A 145 7.97 27.32 28.58
N LEU A 146 8.07 26.38 27.65
CA LEU A 146 7.37 25.10 27.78
C LEU A 146 8.20 23.97 27.20
N LEU A 147 7.81 22.75 27.56
CA LEU A 147 8.36 21.54 26.97
C LEU A 147 7.28 20.87 26.11
N ARG A 148 7.65 20.46 24.91
CA ARG A 148 6.71 19.87 23.96
C ARG A 148 7.15 18.45 23.59
N PHE A 149 6.22 17.50 23.72
CA PHE A 149 6.39 16.11 23.31
C PHE A 149 5.40 15.82 22.19
N ASP A 150 5.90 15.44 21.04
CA ASP A 150 5.02 15.20 19.90
C ASP A 150 4.54 13.75 19.80
N GLY A 151 5.01 12.86 20.68
CA GLY A 151 4.53 11.49 20.70
C GLY A 151 5.21 10.63 21.75
N ILE A 152 4.42 9.99 22.62
CA ILE A 152 4.92 9.00 23.57
C ILE A 152 3.97 7.80 23.59
N GLU A 153 4.48 6.62 23.29
CA GLU A 153 3.68 5.39 23.29
C GLU A 153 4.03 4.55 24.53
N SER A 154 3.06 4.27 25.42
CA SER A 154 1.68 4.79 25.40
C SER A 154 1.41 5.79 26.56
N ALA A 155 2.18 5.74 27.65
CA ALA A 155 1.88 6.54 28.84
C ALA A 155 3.16 7.18 29.37
N GLY A 156 3.19 8.51 29.40
CA GLY A 156 4.36 9.24 29.84
C GLY A 156 4.09 9.94 31.16
N THR A 157 5.08 9.87 32.05
CA THR A 157 5.17 10.73 33.21
C THR A 157 6.42 11.59 33.05
N VAL A 158 6.29 12.89 33.30
CA VAL A 158 7.33 13.86 32.95
C VAL A 158 7.68 14.66 34.21
N TRP A 159 8.96 14.66 34.58
CA TRP A 159 9.53 15.52 35.62
C TRP A 159 10.60 16.40 35.01
N LEU A 160 10.71 17.63 35.51
CA LEU A 160 11.79 18.53 35.13
C LEU A 160 12.48 18.98 36.41
N ASN A 161 13.78 18.71 36.51
CA ASN A 161 14.55 19.02 37.71
C ASN A 161 13.85 18.49 38.96
N GLY A 162 13.13 17.39 38.84
CA GLY A 162 12.58 16.69 39.98
C GLY A 162 11.11 16.95 40.24
N VAL A 163 10.54 18.01 39.68
CA VAL A 163 9.11 18.29 39.87
C VAL A 163 8.35 17.68 38.71
N GLU A 164 7.22 17.08 39.04
CA GLU A 164 6.35 16.44 38.04
C GLU A 164 5.59 17.52 37.29
N LEU A 165 5.77 17.55 35.96
CA LEU A 165 4.96 18.40 35.11
C LEU A 165 3.59 17.78 34.83
N GLY A 166 3.52 16.49 34.58
CA GLY A 166 2.24 15.88 34.27
C GLY A 166 2.43 14.57 33.52
N THR A 167 1.38 14.17 32.82
CA THR A 167 1.37 12.91 32.10
C THR A 167 0.84 13.13 30.70
N THR A 168 1.09 12.14 29.85
CA THR A 168 0.63 12.15 28.47
C THR A 168 -0.22 10.91 28.19
N ARG A 169 -1.30 11.13 27.44
CA ARG A 169 -2.16 10.08 26.92
C ARG A 169 -2.57 10.46 25.50
N GLY A 170 -2.63 9.45 24.62
CA GLY A 170 -2.78 9.65 23.19
C GLY A 170 -1.41 9.54 22.54
N SER A 171 -1.05 8.36 22.06
CA SER A 171 0.37 8.13 21.78
C SER A 171 0.89 8.96 20.61
N ARG A 172 0.05 9.32 19.65
CA ARG A 172 0.50 10.05 18.45
C ARG A 172 0.06 11.50 18.49
N LEU A 173 -0.28 12.00 19.67
CA LEU A 173 -0.74 13.36 19.88
C LEU A 173 0.30 14.13 20.67
N ALA A 174 0.25 15.46 20.54
CA ALA A 174 1.23 16.34 21.16
C ALA A 174 0.78 16.76 22.55
N HIS A 175 1.75 16.88 23.45
CA HIS A 175 1.54 17.43 24.79
C HIS A 175 2.56 18.50 25.06
N GLU A 176 2.12 19.60 25.69
CA GLU A 176 2.98 20.72 26.05
C GLU A 176 2.79 21.02 27.51
N PHE A 177 3.91 21.16 28.23
CA PHE A 177 3.91 21.45 29.65
C PHE A 177 4.61 22.78 29.94
N ASP A 178 3.96 23.62 30.73
CA ASP A 178 4.57 24.89 31.17
C ASP A 178 5.72 24.61 32.13
N VAL A 179 6.89 25.18 31.84
CA VAL A 179 8.06 25.03 32.70
C VAL A 179 8.47 26.35 33.35
N SER A 180 7.60 27.37 33.30
CA SER A 180 7.91 28.65 33.95
C SER A 180 8.12 28.45 35.44
N GLY A 181 9.23 28.96 35.96
CA GLY A 181 9.54 28.80 37.35
C GLY A 181 10.00 27.42 37.74
N ILE A 182 10.09 26.51 36.78
CA ILE A 182 10.68 25.20 36.99
C ILE A 182 11.94 25.02 36.17
N LEU A 183 11.94 25.49 34.93
CA LEU A 183 13.16 25.61 34.18
C LEU A 183 14.08 26.59 34.88
N GLU A 184 15.33 26.16 35.08
CA GLU A 184 16.37 26.98 35.71
C GLU A 184 17.44 27.31 34.69
N GLN A 185 17.94 28.54 34.75
CA GLN A 185 18.95 29.00 33.81
C GLN A 185 20.21 28.17 33.95
N GLY A 186 20.71 27.67 32.82
CA GLY A 186 21.86 26.76 32.83
C GLY A 186 21.41 25.32 32.71
N GLU A 187 21.94 24.46 33.58
CA GLU A 187 21.70 23.03 33.50
C GLU A 187 20.32 22.65 34.01
N ASN A 188 19.64 21.80 33.25
CA ASN A 188 18.36 21.23 33.64
C ASN A 188 18.35 19.73 33.34
N THR A 189 17.54 19.00 34.10
CA THR A 189 17.45 17.55 33.97
C THR A 189 15.99 17.17 33.71
N LEU A 190 15.74 16.58 32.54
CA LEU A 190 14.40 16.13 32.15
C LEU A 190 14.32 14.61 32.31
N ALA A 191 13.30 14.16 33.05
CA ALA A 191 13.09 12.74 33.30
C ALA A 191 11.71 12.35 32.79
N VAL A 192 11.64 11.23 32.06
CA VAL A 192 10.39 10.74 31.50
C VAL A 192 10.30 9.24 31.74
N ARG A 193 9.26 8.80 32.44
CA ARG A 193 8.96 7.39 32.63
C ARG A 193 7.85 7.01 31.67
N VAL A 194 8.15 6.10 30.75
CA VAL A 194 7.20 5.67 29.74
C VAL A 194 6.79 4.24 30.03
N ALA A 195 5.49 4.00 30.10
CA ALA A 195 4.95 2.65 30.17
C ALA A 195 4.44 2.22 28.81
N GLN A 196 4.89 1.04 28.34
CA GLN A 196 4.36 0.51 27.09
C GLN A 196 2.85 0.40 27.14
N PHE A 197 2.32 -0.34 28.10
CA PHE A 197 0.90 -0.56 28.21
C PHE A 197 0.27 0.35 29.27
N SER A 198 -0.94 0.81 28.99
CA SER A 198 -1.74 1.59 29.92
C SER A 198 -3.19 1.37 29.54
N ALA A 199 -4.10 2.03 30.27
CA ALA A 199 -5.49 1.97 29.84
C ALA A 199 -5.64 2.48 28.41
N ALA A 200 -4.76 3.39 27.99
CA ALA A 200 -4.82 3.89 26.62
C ALA A 200 -4.59 2.79 25.58
N SER A 201 -3.90 1.71 25.93
CA SER A 201 -3.68 0.64 24.97
C SER A 201 -5.00 0.08 24.46
N TYR A 202 -6.04 0.09 25.32
CA TYR A 202 -7.35 -0.41 24.91
C TYR A 202 -7.97 0.41 23.79
N VAL A 203 -7.49 1.62 23.58
CA VAL A 203 -8.02 2.48 22.53
C VAL A 203 -7.00 2.74 21.44
N GLU A 204 -5.88 2.01 21.46
CA GLU A 204 -4.82 2.10 20.44
C GLU A 204 -4.49 0.71 19.88
N ASP A 205 -5.51 0.03 19.39
CA ASP A 205 -5.33 -1.34 18.90
C ASP A 205 -5.19 -1.42 17.38
N GLN A 206 -4.35 -0.58 16.81
CA GLN A 206 -4.16 -0.57 15.37
C GLN A 206 -3.47 -1.86 14.91
N ASP A 207 -3.70 -2.19 13.64
CA ASP A 207 -3.08 -3.36 13.01
C ASP A 207 -1.67 -2.95 12.60
N MET A 208 -0.72 -3.20 13.50
CA MET A 208 0.65 -2.71 13.35
C MET A 208 1.48 -3.23 14.51
N TRP A 209 2.77 -2.90 14.54
CA TRP A 209 3.62 -3.34 15.63
C TRP A 209 3.33 -2.56 16.89
N TRP A 210 3.40 -3.24 18.04
CA TRP A 210 3.45 -2.58 19.34
C TRP A 210 4.88 -2.12 19.63
N LEU A 211 5.08 -0.82 19.77
CA LEU A 211 6.41 -0.22 19.86
C LEU A 211 6.41 0.95 20.84
N PRO A 212 6.78 0.73 22.09
CA PRO A 212 6.84 1.85 23.04
C PRO A 212 8.02 2.76 22.74
N GLY A 213 7.90 3.99 23.21
CA GLY A 213 9.04 4.88 23.25
C GLY A 213 8.60 6.33 23.11
N ILE A 214 9.56 7.21 23.40
CA ILE A 214 9.46 8.62 23.03
C ILE A 214 9.89 8.71 21.57
N PHE A 215 8.93 8.58 20.65
CA PHE A 215 9.22 8.31 19.24
C PHE A 215 9.03 9.54 18.35
N ARG A 216 8.78 10.71 18.94
CA ARG A 216 8.71 11.96 18.20
C ARG A 216 9.36 13.06 19.04
N ASP A 217 9.50 14.22 18.40
CA ASP A 217 10.34 15.30 18.88
C ASP A 217 10.05 15.66 20.33
N VAL A 218 11.11 16.08 21.02
CA VAL A 218 11.03 16.73 22.31
C VAL A 218 11.66 18.10 22.15
N THR A 219 10.94 19.15 22.54
CA THR A 219 11.37 20.51 22.24
C THR A 219 11.13 21.44 23.42
N LEU A 220 12.14 22.22 23.78
CA LEU A 220 11.99 23.35 24.70
C LEU A 220 11.73 24.58 23.86
N GLN A 221 10.63 25.27 24.14
CA GLN A 221 10.24 26.47 23.40
C GLN A 221 10.00 27.61 24.37
N ALA A 222 10.55 28.77 24.04
CA ALA A 222 10.26 29.96 24.84
C ALA A 222 8.89 30.50 24.48
N ARG A 223 8.19 31.03 25.48
CA ARG A 223 6.87 31.66 25.30
C ARG A 223 6.99 33.14 25.65
N PRO A 224 7.43 33.97 24.71
CA PRO A 224 7.51 35.41 24.98
C PRO A 224 6.16 36.03 25.34
N ALA A 225 6.21 37.07 26.15
CA ALA A 225 5.04 37.90 26.42
C ALA A 225 4.59 38.57 25.13
N ALA A 226 3.29 38.85 25.04
CA ALA A 226 2.71 39.39 23.82
C ALA A 226 2.92 38.45 22.63
N GLY A 227 3.00 37.15 22.88
CA GLY A 227 3.20 36.16 21.85
C GLY A 227 1.87 35.72 21.26
N ILE A 228 1.94 34.61 20.52
CA ILE A 228 0.79 33.98 19.89
C ILE A 228 0.82 32.50 20.23
N ASP A 229 -0.20 32.02 20.92
CA ASP A 229 -0.23 30.60 21.23
C ASP A 229 -0.85 29.79 20.10
N ASP A 230 -2.01 30.21 19.60
CA ASP A 230 -2.77 29.46 18.60
C ASP A 230 -3.16 30.38 17.46
N VAL A 231 -3.29 29.79 16.27
CA VAL A 231 -3.79 30.44 15.07
C VAL A 231 -4.77 29.50 14.40
N PHE A 232 -5.84 30.03 13.82
CA PHE A 232 -6.78 29.21 13.07
C PHE A 232 -7.02 29.93 11.74
N VAL A 233 -6.44 29.36 10.68
CA VAL A 233 -6.57 29.89 9.32
C VAL A 233 -7.89 29.44 8.71
N HIS A 234 -8.63 30.39 8.18
CA HIS A 234 -9.79 30.08 7.35
C HIS A 234 -9.54 30.70 5.99
N ALA A 235 -9.42 29.86 4.96
CA ALA A 235 -9.09 30.33 3.61
C ALA A 235 -9.98 29.59 2.62
N GLY A 236 -11.10 30.20 2.29
CA GLY A 236 -12.05 29.62 1.39
C GLY A 236 -11.87 30.12 -0.02
N TYR A 237 -12.64 29.54 -0.95
CA TYR A 237 -12.51 29.93 -2.35
C TYR A 237 -13.88 30.00 -2.98
N ASP A 238 -14.16 31.13 -3.62
CA ASP A 238 -15.39 31.30 -4.39
C ASP A 238 -15.06 30.95 -5.84
N HIS A 239 -15.43 29.73 -6.25
CA HIS A 239 -15.09 29.25 -7.59
C HIS A 239 -15.84 29.98 -8.68
N ILE A 240 -16.91 30.70 -8.33
CA ILE A 240 -17.59 31.56 -9.30
C ILE A 240 -16.81 32.84 -9.53
N THR A 241 -16.57 33.62 -8.46
CA THR A 241 -15.89 34.90 -8.63
C THR A 241 -14.38 34.73 -8.72
N GLY A 242 -13.84 33.62 -8.23
CA GLY A 242 -12.40 33.52 -8.10
C GLY A 242 -11.86 34.22 -6.87
N GLU A 243 -12.72 34.69 -5.98
CA GLU A 243 -12.28 35.39 -4.77
C GLU A 243 -11.76 34.39 -3.74
N GLY A 244 -10.76 34.84 -2.97
CA GLY A 244 -10.41 34.17 -1.72
C GLY A 244 -11.25 34.72 -0.57
N ILE A 245 -11.48 33.89 0.44
CA ILE A 245 -12.15 34.32 1.66
C ILE A 245 -11.22 33.99 2.81
N LEU A 246 -10.61 35.02 3.40
CA LEU A 246 -9.55 34.85 4.38
C LEU A 246 -9.95 35.41 5.73
N LYS A 247 -9.82 34.58 6.76
CA LYS A 247 -9.85 35.05 8.14
C LYS A 247 -8.84 34.23 8.92
N VAL A 248 -7.91 34.91 9.57
CA VAL A 248 -6.91 34.25 10.39
C VAL A 248 -7.15 34.68 11.83
N GLU A 249 -7.49 33.72 12.66
CA GLU A 249 -7.76 33.90 14.10
C GLU A 249 -6.46 33.67 14.87
N ALA A 250 -6.19 34.50 15.87
CA ALA A 250 -4.97 34.38 16.66
C ALA A 250 -5.32 34.57 18.13
N SER A 251 -4.68 33.77 18.99
CA SER A 251 -5.05 33.81 20.39
C SER A 251 -3.82 33.60 21.25
N ARG A 252 -3.98 33.95 22.52
CA ARG A 252 -2.96 33.82 23.55
C ARG A 252 -3.73 33.42 24.79
N GLY A 253 -3.33 32.33 25.43
CA GLY A 253 -4.08 31.88 26.59
C GLY A 253 -5.56 31.66 26.33
N GLY A 254 -5.92 31.27 25.10
CA GLY A 254 -7.31 31.04 24.76
C GLY A 254 -8.10 32.26 24.36
N GLN A 255 -7.56 33.47 24.52
CA GLN A 255 -8.31 34.67 24.23
C GLN A 255 -7.85 35.31 22.93
N ALA A 256 -8.81 35.80 22.17
CA ALA A 256 -8.48 36.42 20.89
C ALA A 256 -7.65 37.65 21.14
N ILE A 257 -6.57 37.78 20.37
CA ILE A 257 -5.63 38.87 20.54
C ILE A 257 -5.52 39.62 19.24
N ASP A 258 -5.01 40.83 19.33
CA ASP A 258 -4.73 41.62 18.16
C ASP A 258 -3.39 41.21 17.56
N ALA A 259 -3.41 40.94 16.26
CA ALA A 259 -2.21 40.62 15.52
C ALA A 259 -2.42 41.10 14.10
N VAL A 260 -1.31 41.28 13.38
CA VAL A 260 -1.37 41.67 11.98
C VAL A 260 -1.01 40.47 11.09
N VAL A 261 -1.76 40.31 10.02
CA VAL A 261 -1.55 39.23 9.07
C VAL A 261 -1.06 39.85 7.77
N ARG A 262 0.12 39.44 7.33
CA ARG A 262 0.68 39.89 6.07
C ARG A 262 0.74 38.71 5.10
N VAL A 263 0.30 38.96 3.88
CA VAL A 263 0.36 38.00 2.77
C VAL A 263 0.95 38.77 1.61
N PRO A 264 2.28 38.87 1.50
CA PRO A 264 2.86 39.78 0.52
C PRO A 264 2.42 39.51 -0.91
N GLU A 265 2.45 38.24 -1.34
CA GLU A 265 2.16 37.94 -2.73
C GLU A 265 0.80 38.49 -3.14
N LEU A 266 -0.15 38.57 -2.20
CA LEU A 266 -1.48 39.07 -2.47
C LEU A 266 -1.68 40.56 -2.08
N ALA A 267 -0.62 41.24 -1.69
CA ALA A 267 -0.67 42.68 -1.33
C ALA A 267 -1.67 42.94 -0.20
N LEU A 268 -1.71 42.02 0.77
CA LEU A 268 -2.66 42.06 1.87
C LEU A 268 -1.96 42.42 3.17
N GLU A 269 -2.54 43.37 3.90
CA GLU A 269 -2.26 43.54 5.33
C GLU A 269 -3.59 43.71 6.06
N LEU A 270 -3.88 42.81 6.98
CA LEU A 270 -5.18 42.76 7.60
C LEU A 270 -5.01 42.40 9.06
N ALA A 271 -6.06 42.68 9.82
CA ALA A 271 -6.10 42.34 11.22
C ALA A 271 -6.43 40.86 11.39
N ALA A 272 -5.82 40.23 12.38
CA ALA A 272 -6.27 38.91 12.76
C ALA A 272 -7.69 39.01 13.30
N GLY A 273 -8.52 38.06 12.94
CA GLY A 273 -9.88 38.08 13.44
C GLY A 273 -10.90 38.75 12.55
N THR A 274 -10.50 39.27 11.39
CA THR A 274 -11.44 39.87 10.45
C THR A 274 -11.42 39.15 9.11
N GLU A 275 -12.61 38.87 8.59
CA GLU A 275 -12.76 38.22 7.29
C GLU A 275 -12.69 39.24 6.17
N VAL A 276 -11.87 38.94 5.16
CA VAL A 276 -11.72 39.81 4.00
C VAL A 276 -11.95 38.97 2.76
N ARG A 277 -12.22 39.68 1.66
CA ARG A 277 -12.41 39.08 0.35
C ARG A 277 -11.24 39.50 -0.52
N VAL A 278 -10.41 38.53 -0.87
CA VAL A 278 -9.31 38.78 -1.80
C VAL A 278 -9.85 38.74 -3.22
N PRO A 279 -9.66 39.78 -4.03
CA PRO A 279 -10.35 39.81 -5.33
C PRO A 279 -10.11 38.59 -6.20
N ALA A 280 -8.90 38.03 -6.18
CA ALA A 280 -8.59 36.90 -7.04
C ALA A 280 -7.45 36.12 -6.41
N VAL A 281 -7.68 34.83 -6.17
CA VAL A 281 -6.63 33.95 -5.67
C VAL A 281 -6.54 32.75 -6.60
N GLU A 282 -5.36 32.14 -6.68
CA GLU A 282 -5.24 30.83 -7.36
C GLU A 282 -5.53 29.71 -6.37
N PRO A 283 -6.56 28.90 -6.58
CA PRO A 283 -7.02 27.99 -5.52
C PRO A 283 -6.14 26.77 -5.35
N TRP A 284 -6.17 26.24 -4.14
CA TRP A 284 -5.37 25.07 -3.80
C TRP A 284 -6.09 23.76 -4.18
N SER A 285 -5.34 22.82 -4.75
CA SER A 285 -5.79 21.44 -4.90
C SER A 285 -4.59 20.50 -4.91
N ALA A 286 -4.85 19.20 -4.70
CA ALA A 286 -3.75 18.24 -4.84
C ALA A 286 -3.07 18.37 -6.19
N GLU A 287 -3.83 18.71 -7.23
CA GLU A 287 -3.25 18.86 -8.56
C GLU A 287 -2.43 20.14 -8.68
N VAL A 288 -2.95 21.26 -8.19
CA VAL A 288 -2.22 22.52 -8.24
C VAL A 288 -2.16 23.05 -6.81
N PRO A 289 -1.14 22.66 -6.03
CA PRO A 289 -1.11 22.98 -4.59
C PRO A 289 -0.56 24.39 -4.35
N LYS A 290 -1.27 25.37 -4.89
CA LYS A 290 -0.85 26.77 -4.75
C LYS A 290 -0.87 27.16 -3.29
N LEU A 291 0.22 27.75 -2.82
CA LEU A 291 0.35 28.16 -1.43
C LEU A 291 0.86 29.60 -1.34
N TYR A 292 0.18 30.42 -0.54
CA TYR A 292 0.62 31.79 -0.29
C TYR A 292 1.30 31.90 1.06
N GLU A 293 2.51 32.43 1.06
CA GLU A 293 3.25 32.63 2.30
C GLU A 293 2.61 33.75 3.11
N ALA A 294 2.46 33.51 4.41
CA ALA A 294 1.82 34.48 5.30
C ALA A 294 2.53 34.50 6.65
N ALA A 295 2.43 35.65 7.32
CA ALA A 295 2.96 35.80 8.68
C ALA A 295 1.89 36.41 9.56
N VAL A 296 1.73 35.84 10.76
CA VAL A 296 0.85 36.40 11.78
C VAL A 296 1.74 36.91 12.91
N SER A 297 1.70 38.22 13.14
CA SER A 297 2.66 38.92 14.00
C SER A 297 1.94 39.63 15.13
N ALA A 298 2.35 39.34 16.35
CA ALA A 298 2.10 40.18 17.51
C ALA A 298 3.42 40.77 17.97
N ALA A 299 3.34 41.63 18.99
CA ALA A 299 4.52 42.36 19.44
C ALA A 299 5.68 41.41 19.72
N GLY A 300 5.40 40.30 20.40
CA GLY A 300 6.45 39.46 20.93
C GLY A 300 6.70 38.16 20.21
N GLU A 301 6.06 37.93 19.07
CA GLU A 301 6.21 36.63 18.40
C GLU A 301 5.57 36.71 17.03
N SER A 302 6.20 36.07 16.05
CA SER A 302 5.66 36.01 14.71
C SER A 302 5.56 34.55 14.26
N VAL A 303 4.44 34.22 13.61
CA VAL A 303 4.15 32.85 13.17
C VAL A 303 4.07 32.84 11.64
N ALA A 304 4.81 31.92 11.04
CA ALA A 304 4.87 31.81 9.58
C ALA A 304 3.96 30.68 9.10
N LEU A 305 3.12 30.99 8.11
CA LEU A 305 2.08 30.09 7.62
C LEU A 305 2.15 29.98 6.11
N GLN A 306 1.66 28.85 5.60
CA GLN A 306 1.36 28.67 4.20
C GLN A 306 -0.15 28.50 4.04
N ILE A 307 -0.75 29.31 3.20
CA ILE A 307 -2.19 29.40 3.10
C ILE A 307 -2.59 28.87 1.75
N GLY A 308 -3.42 27.82 1.74
CA GLY A 308 -4.02 27.33 0.51
C GLY A 308 -5.50 27.62 0.45
N PHE A 309 -5.94 28.41 -0.52
CA PHE A 309 -7.34 28.78 -0.60
C PHE A 309 -8.14 27.64 -1.24
N ARG A 310 -9.01 27.00 -0.46
CA ARG A 310 -9.89 25.99 -1.01
C ARG A 310 -11.10 25.85 -0.10
N SER A 311 -12.25 25.54 -0.71
CA SER A 311 -13.49 25.27 0.00
C SER A 311 -13.97 23.86 -0.31
N ILE A 312 -14.44 23.17 0.72
CA ILE A 312 -14.92 21.82 0.65
C ILE A 312 -16.44 21.86 0.81
N ALA A 313 -17.13 21.07 0.03
CA ALA A 313 -18.59 21.08 0.11
C ALA A 313 -19.10 19.74 -0.35
N ILE A 314 -20.21 19.32 0.24
CA ILE A 314 -20.93 18.15 -0.19
C ILE A 314 -22.21 18.64 -0.83
N GLU A 315 -22.42 18.26 -2.08
CA GLU A 315 -23.52 18.75 -2.88
C GLU A 315 -23.95 17.65 -3.85
N ASP A 316 -25.25 17.38 -3.92
CA ASP A 316 -25.80 16.35 -4.82
C ASP A 316 -25.09 15.02 -4.63
N ALA A 317 -24.91 14.62 -3.38
CA ALA A 317 -24.27 13.35 -3.03
C ALA A 317 -22.89 13.23 -3.64
N GLN A 318 -22.19 14.35 -3.70
CA GLN A 318 -20.83 14.42 -4.23
C GLN A 318 -19.94 15.22 -3.30
N PHE A 319 -18.71 14.74 -3.13
CA PHE A 319 -17.70 15.44 -2.35
C PHE A 319 -16.96 16.38 -3.27
N LYS A 320 -17.08 17.69 -3.05
CA LYS A 320 -16.54 18.67 -3.99
C LYS A 320 -15.53 19.58 -3.33
N VAL A 321 -14.47 19.89 -4.08
CA VAL A 321 -13.49 20.88 -3.68
C VAL A 321 -13.52 21.98 -4.72
N ASN A 322 -13.64 23.23 -4.25
CA ASN A 322 -13.61 24.40 -5.12
C ASN A 322 -14.64 24.26 -6.23
N GLY A 323 -15.79 23.72 -5.89
CA GLY A 323 -16.87 23.69 -6.83
C GLY A 323 -16.88 22.48 -7.75
N ARG A 324 -15.89 21.58 -7.68
CA ARG A 324 -15.81 20.40 -8.55
C ARG A 324 -15.77 19.10 -7.75
N ARG A 325 -16.54 18.12 -8.20
CA ARG A 325 -16.34 16.74 -7.72
C ARG A 325 -14.92 16.30 -8.01
N ILE A 326 -14.24 15.74 -7.02
CA ILE A 326 -12.87 15.23 -7.19
C ILE A 326 -12.88 13.70 -7.12
N LEU A 327 -11.84 13.10 -7.69
CA LEU A 327 -11.61 11.66 -7.61
C LEU A 327 -10.39 11.42 -6.73
N LEU A 328 -10.61 10.76 -5.60
CA LEU A 328 -9.53 10.37 -4.70
C LEU A 328 -8.79 9.14 -5.24
N ARG A 329 -7.50 9.29 -5.56
CA ARG A 329 -6.54 8.23 -5.95
C ARG A 329 -5.66 8.08 -4.72
N GLY A 330 -6.03 7.24 -3.75
CA GLY A 330 -5.45 7.31 -2.44
C GLY A 330 -4.70 6.06 -1.96
N VAL A 331 -3.96 6.27 -0.88
CA VAL A 331 -3.34 5.18 -0.12
C VAL A 331 -3.53 5.42 1.36
N ASN A 332 -3.54 4.33 2.11
CA ASN A 332 -3.42 4.40 3.55
C ASN A 332 -1.95 4.42 3.96
N ARG A 333 -1.53 5.48 4.64
CA ARG A 333 -0.15 5.67 5.04
C ARG A 333 0.00 5.45 6.54
N HIS A 334 0.55 4.30 6.92
CA HIS A 334 1.07 4.11 8.26
C HIS A 334 2.43 4.77 8.39
N GLU A 335 2.88 4.94 9.62
CA GLU A 335 4.23 5.46 9.84
C GLU A 335 5.06 4.30 10.35
N HIS A 336 6.03 3.87 9.54
CA HIS A 336 6.84 2.72 9.90
C HIS A 336 8.15 2.82 9.18
N HIS A 337 9.21 2.38 9.85
CA HIS A 337 10.54 2.33 9.29
C HIS A 337 11.12 0.96 9.66
N PRO A 338 11.74 0.25 8.71
CA PRO A 338 12.17 -1.13 8.99
C PRO A 338 13.24 -1.26 10.06
N ARG A 339 13.90 -0.19 10.46
CA ARG A 339 14.92 -0.27 11.49
C ARG A 339 14.69 0.68 12.65
N LEU A 340 13.88 1.72 12.48
CA LEU A 340 13.64 2.72 13.51
C LEU A 340 12.23 2.66 14.08
N GLY A 341 11.40 1.76 13.59
CA GLY A 341 10.06 1.59 14.11
C GLY A 341 9.13 2.70 13.72
N ARG A 342 8.57 3.39 14.71
CA ARG A 342 7.58 4.49 14.48
C ARG A 342 8.29 5.80 14.14
N VAL A 343 9.61 5.87 14.28
CA VAL A 343 10.36 7.07 13.90
C VAL A 343 10.64 6.98 12.41
N VAL A 344 10.07 7.89 11.63
CA VAL A 344 10.29 7.94 10.19
C VAL A 344 11.14 9.18 9.90
N PRO A 345 12.40 9.04 9.49
CA PRO A 345 13.22 10.23 9.21
C PRO A 345 12.62 11.09 8.11
N ARG A 346 12.91 12.39 8.21
CA ARG A 346 12.30 13.36 7.30
C ARG A 346 12.65 13.07 5.84
N ASP A 347 13.87 12.61 5.58
CA ASP A 347 14.23 12.34 4.19
C ASP A 347 13.45 11.13 3.64
N VAL A 348 13.03 10.20 4.51
CA VAL A 348 12.17 9.11 4.05
C VAL A 348 10.76 9.62 3.77
N VAL A 349 10.23 10.48 4.64
CA VAL A 349 8.91 11.06 4.42
C VAL A 349 8.87 11.80 3.09
N GLU A 350 9.89 12.64 2.84
CA GLU A 350 9.91 13.39 1.60
C GLU A 350 10.03 12.46 0.40
N ALA A 351 10.90 11.46 0.51
CA ALA A 351 11.09 10.53 -0.59
C ALA A 351 9.82 9.74 -0.88
N GLU A 352 9.17 9.22 0.15
CA GLU A 352 7.98 8.39 -0.09
C GLU A 352 6.82 9.23 -0.60
N LEU A 353 6.70 10.48 -0.16
CA LEU A 353 5.63 11.32 -0.70
C LEU A 353 5.91 11.67 -2.16
N ARG A 354 7.17 11.95 -2.50
CA ARG A 354 7.56 12.07 -3.91
C ARG A 354 7.23 10.79 -4.67
N LEU A 355 7.54 9.64 -4.09
CA LEU A 355 7.26 8.36 -4.74
C LEU A 355 5.77 8.18 -5.00
N MET A 356 4.93 8.56 -4.03
CA MET A 356 3.48 8.49 -4.24
C MET A 356 3.08 9.34 -5.43
N LYS A 357 3.54 10.59 -5.48
CA LYS A 357 3.20 11.46 -6.60
C LYS A 357 3.69 10.88 -7.91
N GLN A 358 4.87 10.27 -7.90
CA GLN A 358 5.42 9.64 -9.10
C GLN A 358 4.56 8.46 -9.56
N HIS A 359 3.66 7.96 -8.72
CA HIS A 359 2.74 6.90 -9.10
C HIS A 359 1.30 7.38 -9.11
N ASN A 360 1.11 8.67 -9.33
CA ASN A 360 -0.18 9.31 -9.61
C ASN A 360 -1.12 9.35 -8.43
N ILE A 361 -0.63 9.05 -7.23
CA ILE A 361 -1.46 9.11 -6.05
C ILE A 361 -1.75 10.58 -5.74
N ASN A 362 -2.98 10.88 -5.33
CA ASN A 362 -3.32 12.26 -4.97
C ASN A 362 -3.96 12.37 -3.59
N ALA A 363 -3.97 11.31 -2.80
CA ALA A 363 -4.68 11.37 -1.53
C ALA A 363 -4.07 10.40 -0.54
N ILE A 364 -4.10 10.79 0.73
CA ILE A 364 -3.53 10.00 1.82
C ILE A 364 -4.49 9.97 2.99
N ARG A 365 -4.73 8.77 3.55
CA ARG A 365 -5.37 8.62 4.85
C ARG A 365 -4.30 8.32 5.89
N THR A 366 -4.22 9.15 6.94
CA THR A 366 -3.25 8.93 8.01
C THR A 366 -3.76 7.80 8.91
N SER A 367 -3.70 6.59 8.38
CA SER A 367 -4.17 5.38 9.10
C SER A 367 -3.21 5.09 10.23
N HIS A 368 -3.70 4.83 11.43
CA HIS A 368 -4.98 5.25 12.00
C HIS A 368 -4.68 6.14 13.23
N TYR A 369 -4.09 7.27 12.97
CA TYR A 369 -3.60 8.20 14.00
C TYR A 369 -2.95 9.37 13.29
N PRO A 370 -2.81 10.53 13.91
CA PRO A 370 -2.22 11.64 13.20
C PRO A 370 -0.75 11.38 12.94
N PRO A 371 -0.22 11.87 11.84
CA PRO A 371 1.18 11.61 11.50
C PRO A 371 2.12 12.53 12.28
N HIS A 372 3.40 12.40 12.01
CA HIS A 372 4.34 13.40 12.47
C HIS A 372 3.83 14.79 12.08
N PRO A 373 3.96 15.81 12.94
CA PRO A 373 3.43 17.12 12.57
C PRO A 373 4.07 17.70 11.33
N GLN A 374 5.30 17.33 11.01
CA GLN A 374 5.95 17.82 9.79
C GLN A 374 5.27 17.31 8.51
N PHE A 375 4.50 16.22 8.60
CA PHE A 375 3.87 15.68 7.40
C PHE A 375 2.95 16.70 6.75
N LEU A 376 2.29 17.53 7.55
CA LEU A 376 1.19 18.34 7.04
C LEU A 376 1.68 19.38 6.05
N ALA A 377 2.84 19.98 6.30
CA ALA A 377 3.37 20.96 5.36
C ALA A 377 3.80 20.32 4.05
N LEU A 378 4.39 19.12 4.12
CA LEU A 378 4.75 18.40 2.89
C LEU A 378 3.52 18.05 2.08
N ALA A 379 2.46 17.59 2.73
CA ALA A 379 1.22 17.30 2.02
C ALA A 379 0.66 18.56 1.37
N ASP A 380 0.69 19.70 2.08
CA ASP A 380 0.26 20.97 1.50
C ASP A 380 1.07 21.29 0.24
N GLN A 381 2.39 21.06 0.31
CA GLN A 381 3.31 21.51 -0.72
C GLN A 381 3.30 20.59 -1.94
N LEU A 382 3.35 19.28 -1.71
CA LEU A 382 3.37 18.35 -2.84
C LEU A 382 1.97 18.14 -3.42
N GLY A 383 0.94 18.21 -2.60
CA GLY A 383 -0.43 18.12 -3.10
C GLY A 383 -1.04 16.76 -2.89
N PHE A 384 -1.65 16.57 -1.73
CA PHE A 384 -2.49 15.42 -1.42
C PHE A 384 -3.74 15.89 -0.70
N TYR A 385 -4.88 15.35 -1.12
CA TYR A 385 -6.08 15.39 -0.29
C TYR A 385 -5.90 14.43 0.88
N VAL A 386 -5.96 14.95 2.09
CA VAL A 386 -5.63 14.18 3.28
C VAL A 386 -6.89 13.91 4.08
N VAL A 387 -7.04 12.66 4.51
CA VAL A 387 -7.99 12.27 5.53
C VAL A 387 -7.17 12.14 6.80
N LEU A 388 -7.28 13.13 7.69
CA LEU A 388 -6.48 13.13 8.93
C LEU A 388 -7.28 12.42 10.01
N GLU A 389 -6.69 11.38 10.56
CA GLU A 389 -7.46 10.47 11.40
C GLU A 389 -7.01 10.52 12.85
N CYS A 390 -7.98 10.56 13.75
CA CYS A 390 -7.71 10.58 15.17
C CYS A 390 -7.12 9.24 15.61
N ASP A 391 -6.34 9.29 16.69
CA ASP A 391 -5.72 8.11 17.28
C ASP A 391 -6.77 7.42 18.16
N LEU A 392 -7.50 6.46 17.56
CA LEU A 392 -8.58 5.74 18.24
C LEU A 392 -8.89 4.45 17.48
N GLU A 393 -8.71 3.30 18.14
CA GLU A 393 -9.11 2.01 17.57
C GLU A 393 -9.30 1.03 18.71
N THR A 394 -10.50 0.43 18.80
CA THR A 394 -10.85 -0.54 19.83
C THR A 394 -11.17 -1.91 19.21
N HIS A 395 -10.54 -2.23 18.09
CA HIS A 395 -10.92 -3.40 17.26
C HIS A 395 -11.01 -4.69 18.07
N GLY A 396 -10.12 -4.87 19.05
CA GLY A 396 -10.07 -6.11 19.82
C GLY A 396 -11.26 -6.37 20.73
N PHE A 397 -12.14 -5.39 20.94
CA PHE A 397 -13.39 -5.68 21.63
C PHE A 397 -14.42 -6.35 20.72
N GLU A 398 -14.21 -6.37 19.40
CA GLU A 398 -15.22 -6.91 18.50
C GLU A 398 -15.50 -8.37 18.81
N SER A 399 -14.43 -9.17 18.98
CA SER A 399 -14.57 -10.61 19.13
C SER A 399 -15.45 -10.98 20.32
N ALA A 400 -15.72 -10.03 21.21
CA ALA A 400 -16.62 -10.26 22.34
C ALA A 400 -17.94 -9.52 22.18
N GLY A 401 -18.38 -9.30 20.94
CA GLY A 401 -19.62 -8.59 20.73
C GLY A 401 -19.56 -7.14 21.18
N TRP A 402 -18.36 -6.55 21.22
CA TRP A 402 -18.12 -5.17 21.61
C TRP A 402 -18.41 -4.90 23.07
N ALA A 403 -18.51 -5.95 23.89
CA ALA A 403 -18.68 -5.74 25.32
C ALA A 403 -17.50 -4.95 25.86
N GLN A 404 -17.80 -3.97 26.71
CA GLN A 404 -16.83 -3.07 27.32
C GLN A 404 -16.16 -2.14 26.31
N ASN A 405 -16.72 -1.98 25.11
CA ASN A 405 -16.08 -1.14 24.11
C ASN A 405 -15.90 0.29 24.65
N PRO A 406 -14.67 0.79 24.77
CA PRO A 406 -14.50 2.16 25.28
C PRO A 406 -15.29 3.21 24.53
N SER A 407 -15.58 2.97 23.25
CA SER A 407 -16.28 3.95 22.43
C SER A 407 -17.69 4.22 22.91
N ASP A 408 -18.27 3.32 23.69
CA ASP A 408 -19.62 3.49 24.22
C ASP A 408 -19.64 3.45 25.73
N ASP A 409 -18.48 3.54 26.37
CA ASP A 409 -18.40 3.55 27.82
C ASP A 409 -18.30 4.99 28.30
N PRO A 410 -19.29 5.54 29.00
CA PRO A 410 -19.20 6.94 29.47
C PRO A 410 -17.93 7.28 30.21
N GLN A 411 -17.32 6.35 30.94
CA GLN A 411 -16.10 6.66 31.65
C GLN A 411 -14.95 7.10 30.74
N TRP A 412 -15.02 6.78 29.44
CA TRP A 412 -13.98 7.10 28.46
C TRP A 412 -14.28 8.36 27.66
N GLU A 413 -15.41 9.01 27.89
CA GLU A 413 -15.78 10.17 27.09
C GLU A 413 -14.70 11.25 27.08
N ASP A 414 -14.20 11.65 28.25
CA ASP A 414 -13.24 12.74 28.29
C ASP A 414 -11.93 12.37 27.60
N ALA A 415 -11.47 11.13 27.77
CA ALA A 415 -10.27 10.68 27.09
C ALA A 415 -10.43 10.73 25.56
N LEU A 416 -11.61 10.35 25.05
CA LEU A 416 -11.77 10.27 23.61
C LEU A 416 -12.03 11.64 23.00
N VAL A 417 -12.83 12.48 23.65
CA VAL A 417 -12.94 13.88 23.23
C VAL A 417 -11.56 14.56 23.21
N ASP A 418 -10.75 14.31 24.25
CA ASP A 418 -9.40 14.86 24.27
C ASP A 418 -8.65 14.48 23.01
N ARG A 419 -8.57 13.18 22.73
CA ARG A 419 -7.89 12.70 21.55
C ARG A 419 -8.34 13.45 20.31
N MET A 420 -9.65 13.59 20.13
CA MET A 420 -10.16 14.31 18.96
C MET A 420 -9.76 15.77 19.00
N ARG A 421 -9.89 16.41 20.17
CA ARG A 421 -9.49 17.82 20.30
C ARG A 421 -8.05 17.99 19.86
N ARG A 422 -7.15 17.19 20.41
CA ARG A 422 -5.74 17.36 20.08
C ARG A 422 -5.49 17.13 18.61
N THR A 423 -6.21 16.15 18.01
CA THR A 423 -6.04 15.86 16.58
C THR A 423 -6.43 17.06 15.74
N VAL A 424 -7.62 17.60 15.97
CA VAL A 424 -8.07 18.75 15.19
C VAL A 424 -7.20 19.99 15.46
N GLU A 425 -6.93 20.30 16.73
CA GLU A 425 -6.22 21.56 16.99
C GLU A 425 -4.87 21.57 16.30
N ARG A 426 -4.18 20.43 16.25
CA ARG A 426 -2.80 20.46 15.76
C ARG A 426 -2.75 20.82 14.28
N ASP A 427 -3.65 20.28 13.47
CA ASP A 427 -3.51 20.34 12.02
C ASP A 427 -4.57 21.16 11.32
N LYS A 428 -5.45 21.83 12.06
CA LYS A 428 -6.58 22.57 11.49
C LYS A 428 -6.18 23.67 10.49
N ASN A 429 -4.91 24.05 10.38
CA ASN A 429 -4.54 25.13 9.48
C ASN A 429 -4.11 24.68 8.09
N HIS A 430 -4.19 23.40 7.78
CA HIS A 430 -3.55 22.88 6.57
C HIS A 430 -4.58 22.59 5.50
N ALA A 431 -4.40 23.23 4.34
CA ALA A 431 -5.33 23.08 3.23
C ALA A 431 -5.44 21.62 2.80
N SER A 432 -4.36 20.85 2.92
CA SER A 432 -4.38 19.46 2.46
C SER A 432 -5.36 18.61 3.26
N VAL A 433 -5.65 18.98 4.50
CA VAL A 433 -6.62 18.21 5.28
C VAL A 433 -8.03 18.55 4.77
N VAL A 434 -8.67 17.59 4.10
CA VAL A 434 -10.02 17.83 3.59
C VAL A 434 -11.09 17.06 4.34
N MET A 435 -10.72 16.20 5.28
CA MET A 435 -11.68 15.43 6.05
C MET A 435 -11.02 15.12 7.39
N TRP A 436 -11.81 15.18 8.45
CA TRP A 436 -11.39 14.67 9.74
C TRP A 436 -11.98 13.27 9.92
N SER A 437 -11.20 12.34 10.44
CA SER A 437 -11.72 11.02 10.77
C SER A 437 -11.64 10.76 12.27
N LEU A 438 -12.75 10.27 12.83
CA LEU A 438 -12.89 9.99 14.26
C LEU A 438 -11.97 8.90 14.76
N GLY A 439 -11.47 8.05 13.88
CA GLY A 439 -10.72 6.90 14.30
C GLY A 439 -10.98 5.75 13.34
N ASN A 440 -10.73 4.53 13.81
CA ASN A 440 -10.80 3.36 12.94
C ASN A 440 -11.20 2.13 13.74
N GLN A 441 -12.18 1.38 13.22
CA GLN A 441 -12.57 0.08 13.79
C GLN A 441 -12.74 0.18 15.30
N ALA A 442 -13.56 1.13 15.71
CA ALA A 442 -13.83 1.38 17.12
C ALA A 442 -15.29 1.11 17.45
N GLY A 443 -15.98 0.38 16.58
CA GLY A 443 -17.40 0.13 16.76
C GLY A 443 -18.24 1.40 16.67
N THR A 444 -19.36 1.39 17.39
CA THR A 444 -20.27 2.52 17.49
C THR A 444 -20.43 2.91 18.96
N GLY A 445 -20.83 4.14 19.22
CA GLY A 445 -21.01 4.48 20.62
C GLY A 445 -21.11 5.96 20.88
N ARG A 446 -21.47 6.24 22.12
CA ARG A 446 -21.77 7.60 22.63
C ARG A 446 -20.54 8.48 22.48
N ASN A 447 -19.35 7.95 22.74
CA ASN A 447 -18.15 8.78 22.74
C ASN A 447 -17.75 9.16 21.33
N LEU A 448 -18.10 8.35 20.35
CA LEU A 448 -17.84 8.73 18.96
C LEU A 448 -18.77 9.86 18.55
N ALA A 449 -20.01 9.80 18.98
CA ALA A 449 -20.94 10.88 18.73
C ALA A 449 -20.43 12.18 19.38
N ALA A 450 -19.87 12.06 20.58
CA ALA A 450 -19.36 13.24 21.28
C ALA A 450 -18.15 13.81 20.54
N MET A 451 -17.33 12.92 19.98
CA MET A 451 -16.16 13.38 19.22
C MET A 451 -16.59 14.09 17.95
N SER A 452 -17.64 13.56 17.31
CA SER A 452 -18.16 14.20 16.11
C SER A 452 -18.75 15.57 16.42
N ARG A 453 -19.62 15.66 17.41
CA ARG A 453 -20.22 16.95 17.73
C ARG A 453 -19.16 17.98 18.07
N TRP A 454 -18.13 17.57 18.80
CA TRP A 454 -17.06 18.50 19.18
C TRP A 454 -16.35 19.04 17.95
N THR A 455 -16.01 18.14 17.02
CA THR A 455 -15.29 18.50 15.80
C THR A 455 -16.14 19.39 14.92
N LYS A 456 -17.42 19.05 14.79
CA LYS A 456 -18.39 19.77 13.93
C LYS A 456 -18.57 21.19 14.46
N ASP A 457 -18.62 21.38 15.77
CA ASP A 457 -18.71 22.72 16.37
C ASP A 457 -17.43 23.49 16.14
N ARG A 458 -16.29 22.80 16.29
CA ARG A 458 -15.00 23.47 16.23
C ARG A 458 -14.62 23.85 14.80
N ASP A 459 -14.81 22.96 13.85
CA ASP A 459 -14.35 23.17 12.47
C ASP A 459 -15.39 22.68 11.50
N PRO A 460 -16.40 23.50 11.21
CA PRO A 460 -17.40 23.12 10.20
C PRO A 460 -16.84 23.01 8.81
N SER A 461 -15.61 23.46 8.56
CA SER A 461 -15.14 23.58 7.19
C SER A 461 -14.71 22.23 6.56
N ARG A 462 -14.72 21.13 7.32
CA ARG A 462 -14.15 19.86 6.87
C ARG A 462 -15.13 18.74 7.21
N PRO A 463 -15.64 18.00 6.23
CA PRO A 463 -16.51 16.87 6.53
C PRO A 463 -15.87 15.84 7.45
N ILE A 464 -16.72 15.16 8.22
CA ILE A 464 -16.30 14.16 9.17
C ILE A 464 -16.45 12.77 8.53
N HIS A 465 -15.44 11.93 8.73
CA HIS A 465 -15.37 10.56 8.22
C HIS A 465 -15.30 9.61 9.42
N TYR A 466 -16.08 8.51 9.36
CA TYR A 466 -15.87 7.37 10.27
C TYR A 466 -16.56 6.14 9.66
N GLU A 467 -15.80 5.07 9.46
CA GLU A 467 -16.34 3.88 8.79
C GLU A 467 -17.06 2.93 9.75
N GLY A 468 -16.69 2.91 11.03
CA GLY A 468 -17.19 1.89 11.96
C GLY A 468 -18.69 1.85 12.14
N ASP A 469 -19.41 2.96 11.92
CA ASP A 469 -20.86 3.02 12.10
C ASP A 469 -21.51 3.17 10.72
N TRP A 470 -21.97 2.05 10.14
CA TRP A 470 -22.46 2.10 8.76
C TRP A 470 -23.71 2.95 8.62
N SER A 471 -24.53 3.04 9.65
CA SER A 471 -25.65 3.97 9.60
C SER A 471 -25.20 5.41 9.35
N SER A 472 -23.93 5.71 9.57
CA SER A 472 -23.37 7.00 9.20
C SER A 472 -24.01 8.18 9.98
N GLU A 473 -24.53 7.91 11.18
CA GLU A 473 -25.34 8.91 11.88
C GLU A 473 -24.56 10.19 12.23
N HIS A 474 -23.26 10.07 12.51
CA HIS A 474 -22.45 11.16 13.04
C HIS A 474 -21.37 11.61 12.08
N VAL A 475 -21.53 11.33 10.78
CA VAL A 475 -20.52 11.63 9.78
C VAL A 475 -21.17 12.36 8.64
N ASP A 476 -20.33 12.86 7.74
CA ASP A 476 -20.83 13.54 6.55
C ASP A 476 -20.59 12.80 5.24
N VAL A 477 -19.78 11.76 5.26
CA VAL A 477 -19.58 10.91 4.08
C VAL A 477 -19.85 9.46 4.48
N TYR A 478 -20.26 8.69 3.51
CA TYR A 478 -20.50 7.27 3.71
C TYR A 478 -19.22 6.52 3.35
N SER A 479 -18.63 5.85 4.34
CA SER A 479 -17.35 5.19 4.18
C SER A 479 -17.45 3.70 4.46
N ARG A 480 -16.81 2.91 3.59
CA ARG A 480 -16.74 1.46 3.79
C ARG A 480 -15.33 0.98 3.47
N MET A 481 -14.99 -0.19 3.99
CA MET A 481 -13.74 -0.86 3.65
C MET A 481 -14.06 -2.18 2.93
N TYR A 482 -13.47 -2.37 1.77
CA TYR A 482 -13.47 -3.65 1.05
C TYR A 482 -14.86 -4.02 0.56
N ALA A 483 -15.77 -3.06 0.43
CA ALA A 483 -17.00 -3.34 -0.28
C ALA A 483 -16.63 -3.92 -1.65
N SER A 484 -17.38 -4.92 -2.06
CA SER A 484 -17.07 -5.56 -3.33
C SER A 484 -17.33 -4.60 -4.49
N GLN A 485 -16.77 -4.93 -5.65
CA GLN A 485 -17.03 -4.13 -6.85
C GLN A 485 -18.53 -4.05 -7.12
N ALA A 486 -19.24 -5.17 -6.95
CA ALA A 486 -20.67 -5.15 -7.18
C ALA A 486 -21.38 -4.20 -6.23
N GLU A 487 -21.14 -4.34 -4.92
CA GLU A 487 -21.83 -3.45 -3.98
C GLU A 487 -21.45 -2.00 -4.24
N THR A 488 -20.21 -1.75 -4.63
CA THR A 488 -19.80 -0.40 -4.98
C THR A 488 -20.61 0.16 -6.14
N ALA A 489 -20.93 -0.69 -7.11
CA ALA A 489 -21.72 -0.26 -8.26
C ALA A 489 -23.14 0.07 -7.83
N LEU A 490 -23.68 -0.66 -6.87
CA LEU A 490 -25.03 -0.36 -6.41
C LEU A 490 -25.04 0.96 -5.62
N ILE A 491 -24.02 1.17 -4.78
CA ILE A 491 -23.90 2.42 -4.04
C ILE A 491 -23.72 3.57 -5.02
N GLY A 492 -22.89 3.36 -6.05
CA GLY A 492 -22.67 4.40 -7.04
C GLY A 492 -23.93 4.84 -7.71
N GLN A 493 -24.90 3.95 -7.86
CA GLN A 493 -26.16 4.28 -8.52
C GLN A 493 -27.21 4.74 -7.52
N GLY A 494 -26.89 4.70 -6.23
CA GLY A 494 -27.83 5.12 -5.20
C GLY A 494 -28.90 4.12 -4.89
N ILE A 495 -28.66 2.84 -5.18
CA ILE A 495 -29.71 1.85 -5.02
C ILE A 495 -29.30 0.74 -4.06
N GLU A 496 -28.40 1.05 -3.14
CA GLU A 496 -28.08 0.09 -2.11
C GLU A 496 -29.29 -0.06 -1.20
N PRO A 497 -29.31 -1.11 -0.38
CA PRO A 497 -30.48 -1.34 0.47
C PRO A 497 -30.65 -0.20 1.49
N ALA A 498 -31.89 0.05 1.85
CA ALA A 498 -32.20 1.11 2.80
C ALA A 498 -31.77 0.73 4.22
N LEU A 499 -31.44 1.76 5.01
CA LEU A 499 -31.39 1.61 6.46
C LEU A 499 -32.80 1.47 7.00
N ASN A 500 -32.93 0.79 8.14
CA ASN A 500 -34.23 0.68 8.79
C ASN A 500 -34.78 2.04 9.19
N ASP A 501 -33.91 2.95 9.61
CA ASP A 501 -34.33 4.28 10.05
C ASP A 501 -34.46 5.16 8.82
N ALA A 502 -35.69 5.58 8.52
CA ALA A 502 -35.94 6.37 7.32
C ALA A 502 -35.17 7.67 7.33
N ALA A 503 -35.07 8.32 8.50
CA ALA A 503 -34.33 9.57 8.56
C ALA A 503 -32.86 9.33 8.26
N LEU A 504 -32.26 8.31 8.88
CA LEU A 504 -30.85 8.07 8.66
C LEU A 504 -30.60 7.64 7.21
N ASP A 505 -31.52 6.86 6.63
CA ASP A 505 -31.36 6.44 5.24
C ASP A 505 -31.37 7.65 4.30
N ALA A 506 -32.31 8.56 4.50
CA ALA A 506 -32.32 9.80 3.72
C ALA A 506 -31.00 10.55 3.85
N ARG A 507 -30.48 10.67 5.06
CA ARG A 507 -29.19 11.34 5.21
C ARG A 507 -28.09 10.61 4.46
N ARG A 508 -27.98 9.29 4.68
CA ARG A 508 -26.87 8.57 4.08
C ARG A 508 -26.95 8.54 2.56
N ARG A 509 -28.15 8.49 1.99
CA ARG A 509 -28.25 8.49 0.54
C ARG A 509 -27.85 9.82 -0.06
N ALA A 510 -27.86 10.89 0.72
CA ALA A 510 -27.41 12.20 0.28
C ALA A 510 -25.91 12.36 0.42
N MET A 511 -25.20 11.34 0.88
N MET A 511 -25.21 11.34 0.92
CA MET A 511 -23.78 11.45 1.15
CA MET A 511 -23.78 11.40 1.16
C MET A 511 -22.95 10.77 0.07
C MET A 511 -23.01 10.82 -0.02
N PRO A 512 -21.86 11.39 -0.37
CA PRO A 512 -20.97 10.71 -1.30
C PRO A 512 -20.31 9.55 -0.57
N PHE A 513 -19.73 8.63 -1.37
CA PHE A 513 -19.24 7.36 -0.86
C PHE A 513 -17.74 7.20 -1.07
N VAL A 514 -17.03 6.76 -0.05
CA VAL A 514 -15.59 6.57 -0.14
C VAL A 514 -15.25 5.18 0.39
N LEU A 515 -14.27 4.53 -0.28
CA LEU A 515 -13.63 3.32 0.21
C LEU A 515 -12.38 3.76 0.96
N CYS A 516 -12.48 3.81 2.28
CA CYS A 516 -11.32 4.21 3.07
C CYS A 516 -10.21 3.17 2.99
N GLU A 517 -10.56 1.94 2.67
CA GLU A 517 -9.59 0.88 2.43
C GLU A 517 -10.17 -0.06 1.37
N TYR A 518 -9.42 -0.38 0.33
CA TYR A 518 -9.87 -1.29 -0.74
C TYR A 518 -8.65 -1.92 -1.42
N VAL A 519 -8.88 -2.97 -2.21
CA VAL A 519 -7.86 -3.73 -2.98
C VAL A 519 -6.64 -3.99 -2.09
N HIS A 520 -6.82 -4.75 -1.01
CA HIS A 520 -5.77 -5.09 -0.02
C HIS A 520 -4.56 -5.58 -0.82
N ALA A 521 -3.42 -4.96 -0.61
CA ALA A 521 -2.25 -5.18 -1.46
C ALA A 521 -1.24 -6.14 -0.83
N MET A 522 -1.72 -7.26 -0.29
CA MET A 522 -0.84 -8.24 0.33
C MET A 522 -0.35 -9.27 -0.69
N GLY A 523 0.97 -9.43 -0.77
CA GLY A 523 1.61 -10.39 -1.66
C GLY A 523 1.27 -10.14 -3.12
N ASN A 524 1.16 -11.24 -3.86
CA ASN A 524 0.85 -11.18 -5.29
C ASN A 524 -0.55 -10.59 -5.48
N GLY A 525 -0.61 -9.46 -6.19
CA GLY A 525 -1.80 -8.66 -6.27
C GLY A 525 -1.51 -7.19 -6.03
N PRO A 526 -2.57 -6.38 -5.87
CA PRO A 526 -3.98 -6.74 -5.81
C PRO A 526 -4.67 -6.89 -7.17
N GLY A 527 -5.57 -7.88 -7.25
CA GLY A 527 -6.43 -8.03 -8.40
C GLY A 527 -7.71 -7.26 -8.29
N GLY A 528 -8.34 -7.05 -9.45
CA GLY A 528 -9.63 -6.37 -9.54
C GLY A 528 -9.58 -4.86 -9.33
N MET A 529 -8.40 -4.25 -9.42
CA MET A 529 -8.31 -2.79 -9.28
C MET A 529 -9.00 -2.08 -10.44
N SER A 530 -8.97 -2.66 -11.64
CA SER A 530 -9.53 -1.98 -12.81
C SER A 530 -11.05 -1.88 -12.69
N GLU A 531 -11.69 -2.88 -12.08
CA GLU A 531 -13.15 -2.88 -12.01
C GLU A 531 -13.65 -1.79 -11.06
N TYR A 532 -12.95 -1.61 -9.94
CA TYR A 532 -13.27 -0.47 -9.07
C TYR A 532 -13.10 0.84 -9.82
N GLN A 533 -11.96 1.02 -10.50
CA GLN A 533 -11.67 2.28 -11.14
C GLN A 533 -12.74 2.66 -12.15
N ALA A 534 -13.20 1.71 -12.95
CA ALA A 534 -14.24 2.05 -13.92
C ALA A 534 -15.49 2.57 -13.22
N LEU A 535 -15.80 2.05 -12.04
CA LEU A 535 -16.96 2.55 -11.31
C LEU A 535 -16.70 3.97 -10.80
N PHE A 536 -15.50 4.24 -10.28
CA PHE A 536 -15.17 5.59 -9.81
C PHE A 536 -15.38 6.59 -10.93
N GLU A 537 -14.99 6.23 -12.14
CA GLU A 537 -15.12 7.10 -13.29
C GLU A 537 -16.56 7.22 -13.74
N LYS A 538 -17.36 6.17 -13.56
CA LYS A 538 -18.71 6.20 -14.09
C LYS A 538 -19.67 6.96 -13.17
N TYR A 539 -19.48 6.87 -11.86
CA TYR A 539 -20.53 7.26 -10.92
C TYR A 539 -20.06 8.43 -10.04
N PRO A 540 -20.61 9.63 -10.22
CA PRO A 540 -20.15 10.78 -9.41
C PRO A 540 -20.22 10.60 -7.89
N ARG A 541 -21.19 9.86 -7.38
CA ARG A 541 -21.28 9.70 -5.95
C ARG A 541 -20.07 8.99 -5.37
N LEU A 542 -19.34 8.22 -6.17
CA LEU A 542 -18.17 7.49 -5.68
C LEU A 542 -17.00 8.44 -5.61
N MET A 543 -16.43 8.64 -4.42
CA MET A 543 -15.34 9.59 -4.24
C MET A 543 -13.98 9.01 -4.63
N GLY A 544 -13.92 7.70 -4.88
CA GLY A 544 -12.65 7.04 -5.02
C GLY A 544 -12.38 6.12 -3.85
N GLY A 545 -11.08 5.88 -3.63
CA GLY A 545 -10.70 4.86 -2.67
C GLY A 545 -9.24 4.97 -2.31
N PHE A 546 -8.92 4.40 -1.16
CA PHE A 546 -7.57 4.40 -0.63
C PHE A 546 -7.09 2.97 -0.47
N VAL A 547 -6.03 2.61 -1.16
CA VAL A 547 -5.52 1.22 -1.15
C VAL A 547 -5.04 0.89 0.28
N TRP A 548 -5.33 -0.31 0.78
CA TRP A 548 -4.78 -0.76 2.07
C TRP A 548 -3.53 -1.57 1.72
N GLU A 549 -2.30 -1.26 2.14
CA GLU A 549 -1.73 0.04 2.60
C GLU A 549 -0.50 0.36 1.77
N TRP A 550 -0.03 1.56 1.99
CA TRP A 550 1.11 2.09 1.24
C TRP A 550 2.34 1.21 1.44
N LEU A 551 2.70 0.92 2.70
CA LEU A 551 3.95 0.24 2.98
C LEU A 551 3.74 -1.10 3.70
N GLU A 552 4.67 -2.02 3.45
CA GLU A 552 4.79 -3.21 4.26
C GLU A 552 5.48 -2.85 5.57
N HIS A 553 4.95 -3.37 6.66
CA HIS A 553 5.60 -3.10 7.94
C HIS A 553 6.70 -4.11 8.24
N GLY A 554 7.51 -4.48 7.25
CA GLY A 554 8.57 -5.43 7.51
C GLY A 554 9.68 -4.82 8.34
N ILE A 555 10.35 -5.67 9.14
CA ILE A 555 11.41 -5.23 10.04
C ILE A 555 12.69 -5.96 9.66
N THR A 556 13.76 -5.19 9.44
CA THR A 556 15.01 -5.78 8.98
C THR A 556 15.61 -6.67 10.05
N VAL A 557 16.09 -7.85 9.61
CA VAL A 557 16.81 -8.80 10.45
C VAL A 557 17.78 -9.58 9.56
N SER A 558 18.81 -10.15 10.18
CA SER A 558 19.83 -10.90 9.46
C SER A 558 19.98 -12.29 10.09
N THR A 559 20.52 -13.22 9.29
CA THR A 559 20.77 -14.59 9.74
C THR A 559 22.29 -14.80 9.91
N ALA A 560 22.71 -16.06 9.93
CA ALA A 560 24.10 -16.40 10.21
C ALA A 560 25.05 -15.67 9.26
N ASP A 561 24.95 -15.98 7.96
CA ASP A 561 25.84 -15.38 6.97
C ASP A 561 25.63 -13.87 6.81
N GLY A 562 24.71 -13.27 7.56
CA GLY A 562 24.50 -11.84 7.49
C GLY A 562 23.64 -11.38 6.33
N VAL A 563 22.96 -12.29 5.65
CA VAL A 563 22.05 -11.89 4.57
C VAL A 563 20.82 -11.25 5.18
N ASP A 564 20.48 -10.06 4.71
CA ASP A 564 19.37 -9.30 5.25
C ASP A 564 18.04 -9.76 4.66
N HIS A 565 17.00 -9.65 5.47
CA HIS A 565 15.64 -9.94 5.02
C HIS A 565 14.66 -9.33 6.03
N TYR A 566 13.40 -9.25 5.62
CA TYR A 566 12.37 -8.66 6.46
C TYR A 566 11.73 -9.72 7.35
N GLY A 567 11.47 -9.32 8.62
CA GLY A 567 10.71 -10.14 9.55
C GLY A 567 9.29 -9.64 9.68
N TYR A 568 8.42 -10.54 10.15
CA TYR A 568 7.01 -10.22 10.36
C TYR A 568 6.58 -10.86 11.68
N GLY A 569 5.27 -10.87 11.93
CA GLY A 569 4.72 -11.43 13.15
C GLY A 569 5.19 -12.85 13.41
N GLY A 570 5.67 -13.11 14.63
CA GLY A 570 6.20 -14.41 15.01
C GLY A 570 7.72 -14.48 14.99
N ASP A 571 8.36 -13.70 14.11
CA ASP A 571 9.81 -13.68 13.99
C ASP A 571 10.49 -12.97 15.15
N PHE A 572 9.75 -12.53 16.17
CA PHE A 572 10.33 -11.82 17.31
C PHE A 572 9.88 -12.45 18.62
N GLY A 573 9.49 -13.72 18.58
CA GLY A 573 9.16 -14.46 19.78
C GLY A 573 7.79 -14.18 20.33
N GLU A 574 6.90 -13.54 19.56
CA GLU A 574 5.57 -13.23 20.06
C GLU A 574 4.86 -14.51 20.47
N GLU A 575 4.14 -14.42 21.58
CA GLU A 575 3.27 -15.50 22.02
C GLU A 575 2.04 -15.58 21.14
N VAL A 576 1.40 -14.43 20.86
CA VAL A 576 0.31 -14.34 19.91
C VAL A 576 0.67 -13.28 18.89
N HIS A 577 0.37 -13.56 17.62
CA HIS A 577 0.72 -12.67 16.53
C HIS A 577 -0.16 -13.00 15.31
N ASP A 578 0.11 -12.29 14.21
CA ASP A 578 -0.62 -12.52 12.98
C ASP A 578 0.31 -12.59 11.78
N GLY A 579 1.53 -13.07 11.98
CA GLY A 579 2.38 -13.47 10.87
C GLY A 579 2.61 -12.33 9.90
N ASN A 580 2.58 -12.66 8.61
CA ASN A 580 2.95 -11.68 7.58
C ASN A 580 1.79 -10.74 7.24
N PHE A 581 0.70 -10.75 8.02
CA PHE A 581 -0.41 -9.85 7.73
C PHE A 581 -0.02 -8.37 7.83
N VAL A 582 1.12 -8.07 8.44
CA VAL A 582 1.60 -6.66 8.55
C VAL A 582 2.39 -6.30 7.29
N THR A 583 2.72 -7.28 6.43
CA THR A 583 3.42 -7.02 5.19
C THR A 583 2.40 -7.13 4.07
N ASP A 584 1.69 -6.01 3.87
CA ASP A 584 0.49 -5.94 3.03
C ASP A 584 0.48 -4.66 2.21
N GLY A 585 1.64 -4.27 1.67
CA GLY A 585 1.82 -2.97 1.08
C GLY A 585 2.21 -2.93 -0.39
N LEU A 586 2.09 -1.73 -0.94
CA LEU A 586 2.46 -1.38 -2.29
C LEU A 586 3.95 -1.18 -2.45
N VAL A 587 4.66 -0.86 -1.37
CA VAL A 587 6.12 -0.78 -1.39
C VAL A 587 6.62 -1.58 -0.20
N ASP A 588 7.88 -1.94 -0.24
CA ASP A 588 8.43 -2.65 0.90
C ASP A 588 8.84 -1.64 1.96
N ALA A 589 9.31 -2.12 3.11
CA ALA A 589 9.63 -1.22 4.21
C ALA A 589 10.66 -0.18 3.79
N ASP A 590 11.52 -0.51 2.83
CA ASP A 590 12.51 0.40 2.30
C ASP A 590 12.02 1.13 1.05
N ARG A 591 10.72 1.13 0.79
CA ARG A 591 10.10 1.94 -0.27
C ARG A 591 10.47 1.47 -1.67
N ARG A 592 10.89 0.23 -1.84
CA ARG A 592 10.98 -0.35 -3.18
C ARG A 592 9.59 -0.77 -3.67
N PRO A 593 9.17 -0.33 -4.84
CA PRO A 593 7.81 -0.65 -5.30
C PRO A 593 7.60 -2.15 -5.47
N ARG A 594 6.42 -2.61 -5.11
CA ARG A 594 5.95 -3.91 -5.51
C ARG A 594 5.23 -3.79 -6.84
N PRO A 595 5.08 -4.89 -7.57
CA PRO A 595 4.30 -4.85 -8.82
C PRO A 595 2.93 -4.23 -8.68
N GLY A 596 2.25 -4.46 -7.56
CA GLY A 596 0.94 -3.84 -7.34
C GLY A 596 0.98 -2.32 -7.45
N LEU A 597 2.09 -1.71 -7.03
CA LEU A 597 2.18 -0.25 -7.16
C LEU A 597 2.35 0.14 -8.62
N LEU A 598 3.14 -0.64 -9.35
CA LEU A 598 3.33 -0.38 -10.77
C LEU A 598 2.02 -0.49 -11.53
N ASP A 599 1.20 -1.50 -11.19
CA ASP A 599 -0.15 -1.60 -11.72
C ASP A 599 -1.05 -0.45 -11.23
N PHE A 600 -1.05 -0.18 -9.91
CA PHE A 600 -1.87 0.92 -9.38
C PHE A 600 -1.61 2.22 -10.12
N LYS A 601 -0.33 2.56 -10.31
CA LYS A 601 0.00 3.81 -10.98
C LYS A 601 -0.74 3.95 -12.29
N LYS A 602 -0.78 2.85 -13.07
CA LYS A 602 -1.45 2.83 -14.36
C LYS A 602 -2.96 2.88 -14.21
N VAL A 603 -3.52 2.11 -13.28
CA VAL A 603 -4.96 2.12 -13.07
C VAL A 603 -5.48 3.52 -12.77
N ILE A 604 -4.75 4.28 -11.95
CA ILE A 604 -5.21 5.60 -11.52
C ILE A 604 -4.64 6.73 -12.39
N GLU A 605 -4.06 6.42 -13.55
CA GLU A 605 -3.41 7.46 -14.33
C GLU A 605 -4.41 8.56 -14.68
N PRO A 606 -4.03 9.84 -14.54
CA PRO A 606 -5.02 10.92 -14.65
C PRO A 606 -5.36 11.32 -16.08
N LEU A 607 -4.66 10.78 -17.08
CA LEU A 607 -4.96 10.94 -18.49
C LEU A 607 -5.19 9.56 -19.11
N ARG A 608 -6.14 9.46 -20.05
CA ARG A 608 -6.38 8.23 -20.79
C ARG A 608 -5.95 8.45 -22.23
N ILE A 609 -5.09 7.57 -22.74
CA ILE A 609 -4.52 7.66 -24.08
C ILE A 609 -4.91 6.39 -24.80
N ASP A 610 -5.77 6.50 -25.81
CA ASP A 610 -6.20 5.36 -26.60
C ASP A 610 -5.66 5.53 -28.01
N VAL A 611 -4.65 4.74 -28.35
CA VAL A 611 -3.99 4.84 -29.64
C VAL A 611 -4.85 4.16 -30.69
N ALA A 612 -5.07 4.82 -31.82
CA ALA A 612 -5.88 4.28 -32.89
C ALA A 612 -5.22 3.05 -33.51
N ARG A 613 -6.04 2.08 -33.91
CA ARG A 613 -5.49 0.86 -34.50
C ARG A 613 -4.68 1.17 -35.75
N ASP A 614 -5.13 2.16 -36.55
CA ASP A 614 -4.41 2.49 -37.78
C ASP A 614 -3.25 3.44 -37.53
N TRP A 615 -2.93 3.74 -36.28
CA TRP A 615 -1.75 4.53 -35.95
C TRP A 615 -1.80 5.96 -36.49
N THR A 616 -2.98 6.50 -36.80
CA THR A 616 -3.06 7.88 -37.26
C THR A 616 -3.11 8.88 -36.13
N GLY A 617 -3.49 8.46 -34.92
CA GLY A 617 -3.59 9.38 -33.82
C GLY A 617 -4.02 8.65 -32.57
N PHE A 618 -4.25 9.42 -31.52
CA PHE A 618 -4.73 8.84 -30.28
C PHE A 618 -5.80 9.74 -29.71
N THR A 619 -6.74 9.12 -29.02
CA THR A 619 -7.73 9.86 -28.24
C THR A 619 -7.13 10.17 -26.87
N LEU A 620 -7.24 11.42 -26.47
CA LEU A 620 -6.66 11.89 -25.21
C LEU A 620 -7.79 12.43 -24.36
N ARG A 621 -7.97 11.86 -23.18
CA ARG A 621 -8.95 12.35 -22.22
C ARG A 621 -8.21 12.84 -20.98
N ASN A 622 -8.45 14.11 -20.64
CA ASN A 622 -7.90 14.65 -19.41
C ASN A 622 -8.82 14.26 -18.26
N GLY A 623 -8.38 13.31 -17.41
CA GLY A 623 -9.11 12.84 -16.26
C GLY A 623 -8.88 13.63 -14.97
N GLN A 624 -8.09 14.69 -15.05
CA GLN A 624 -7.89 15.56 -13.89
C GLN A 624 -9.14 16.37 -13.61
N ASP A 625 -9.21 16.91 -12.40
CA ASP A 625 -10.37 17.67 -11.94
C ASP A 625 -10.20 19.17 -12.12
N PHE A 626 -8.96 19.66 -12.08
CA PHE A 626 -8.71 21.09 -12.17
C PHE A 626 -7.69 21.43 -13.26
N ALA A 627 -6.56 20.72 -13.31
CA ALA A 627 -5.51 21.11 -14.24
C ALA A 627 -5.82 20.72 -15.67
N ASP A 628 -5.28 21.48 -16.61
CA ASP A 628 -5.34 21.10 -18.01
C ASP A 628 -4.17 20.17 -18.32
N THR A 629 -3.80 20.01 -19.59
CA THR A 629 -2.69 19.14 -19.96
C THR A 629 -1.43 19.91 -20.31
N SER A 630 -1.33 21.19 -19.94
CA SER A 630 -0.17 22.00 -20.32
C SER A 630 1.11 21.51 -19.66
N ALA A 631 1.01 20.81 -18.54
CA ALA A 631 2.20 20.31 -17.86
C ALA A 631 2.82 19.11 -18.55
N PHE A 632 2.19 18.57 -19.56
CA PHE A 632 2.64 17.31 -20.14
C PHE A 632 3.25 17.53 -21.53
N SER A 633 4.30 16.76 -21.80
CA SER A 633 4.81 16.59 -23.15
C SER A 633 4.33 15.25 -23.68
N PHE A 634 3.81 15.25 -24.90
CA PHE A 634 3.25 14.04 -25.51
C PHE A 634 4.24 13.45 -26.52
N ARG A 635 4.70 12.22 -26.23
CA ARG A 635 5.78 11.54 -26.94
C ARG A 635 5.25 10.26 -27.59
N TYR A 636 5.76 9.95 -28.78
CA TYR A 636 5.43 8.71 -29.47
C TYR A 636 6.71 7.99 -29.86
N GLU A 637 6.64 6.65 -29.84
CA GLU A 637 7.73 5.84 -30.37
C GLU A 637 7.16 4.58 -30.97
N VAL A 638 7.65 4.22 -32.14
CA VAL A 638 7.37 2.93 -32.75
C VAL A 638 8.60 2.06 -32.51
N GLU A 639 8.40 0.93 -31.87
CA GLU A 639 9.49 -0.01 -31.64
C GLU A 639 9.23 -1.29 -32.41
N ALA A 640 10.31 -1.86 -32.95
CA ALA A 640 10.23 -3.14 -33.65
C ALA A 640 11.24 -4.09 -33.03
N ASP A 641 11.38 -5.28 -33.65
CA ASP A 641 12.28 -6.28 -33.10
C ASP A 641 13.68 -5.71 -32.89
N GLY A 642 14.22 -5.04 -33.91
CA GLY A 642 15.54 -4.46 -33.82
C GLY A 642 15.63 -3.11 -33.15
N GLY A 643 14.59 -2.66 -32.47
CA GLY A 643 14.63 -1.39 -31.79
C GLY A 643 13.75 -0.33 -32.42
N ALA A 644 14.03 0.92 -32.07
CA ALA A 644 13.16 2.02 -32.42
C ALA A 644 13.23 2.32 -33.92
N LEU A 645 12.08 2.44 -34.55
CA LEU A 645 12.00 2.86 -35.95
C LEU A 645 11.75 4.34 -36.12
N ASP A 646 11.02 4.98 -35.21
CA ASP A 646 10.65 6.37 -35.34
C ASP A 646 10.23 6.87 -33.97
N GLY A 647 10.23 8.18 -33.80
CA GLY A 647 9.84 8.77 -32.53
C GLY A 647 9.74 10.27 -32.65
N GLY A 648 9.26 10.89 -31.58
CA GLY A 648 9.16 12.33 -31.54
C GLY A 648 8.17 12.82 -30.49
N THR A 649 7.84 14.09 -30.59
CA THR A 649 6.91 14.73 -29.69
C THR A 649 5.83 15.41 -30.52
N VAL A 650 4.60 15.35 -30.07
CA VAL A 650 3.49 15.97 -30.78
C VAL A 650 2.90 17.04 -29.87
N ASP A 651 2.55 18.16 -30.46
CA ASP A 651 2.06 19.29 -29.71
C ASP A 651 0.55 19.21 -29.60
N VAL A 652 0.03 19.43 -28.39
CA VAL A 652 -1.37 19.22 -28.06
C VAL A 652 -1.87 20.48 -27.41
N ALA A 653 -2.81 21.16 -28.07
CA ALA A 653 -3.48 22.29 -27.46
C ALA A 653 -4.05 21.86 -26.10
N PRO A 654 -3.82 22.63 -25.04
CA PRO A 654 -4.24 22.18 -23.70
C PRO A 654 -5.69 21.70 -23.65
N VAL A 655 -5.89 20.51 -23.07
CA VAL A 655 -7.22 19.92 -22.93
C VAL A 655 -7.69 20.20 -21.53
N ALA A 656 -8.93 20.69 -21.42
CA ALA A 656 -9.48 21.09 -20.15
C ALA A 656 -9.78 19.87 -19.29
N PRO A 657 -9.93 20.07 -17.98
CA PRO A 657 -10.25 18.93 -17.12
C PRO A 657 -11.57 18.33 -17.55
N GLN A 658 -11.61 16.98 -17.56
CA GLN A 658 -12.81 16.25 -17.92
C GLN A 658 -13.23 16.48 -19.37
N SER A 659 -12.31 16.88 -20.24
CA SER A 659 -12.57 16.98 -21.66
C SER A 659 -11.71 15.97 -22.42
N GLU A 660 -11.99 15.83 -23.71
CA GLU A 660 -11.16 14.95 -24.52
C GLU A 660 -11.05 15.50 -25.94
N THR A 661 -10.07 14.99 -26.67
CA THR A 661 -9.82 15.39 -28.05
C THR A 661 -9.10 14.25 -28.75
N VAL A 662 -9.00 14.36 -30.07
CA VAL A 662 -8.29 13.38 -30.90
C VAL A 662 -7.05 14.07 -31.44
N VAL A 663 -5.89 13.55 -31.05
CA VAL A 663 -4.61 14.12 -31.48
C VAL A 663 -4.15 13.33 -32.69
N GLU A 664 -3.90 14.03 -33.80
CA GLU A 664 -3.26 13.44 -34.95
C GLU A 664 -1.80 13.09 -34.66
N LEU A 665 -1.38 11.91 -35.10
CA LEU A 665 0.05 11.62 -35.09
C LEU A 665 0.65 11.98 -36.44
N PRO A 666 1.95 12.25 -36.49
CA PRO A 666 2.58 12.57 -37.79
C PRO A 666 2.34 11.44 -38.77
N GLY A 667 2.22 11.83 -40.04
CA GLY A 667 1.86 10.86 -41.06
C GLY A 667 2.87 9.74 -41.22
N SER A 668 4.13 10.00 -40.88
CA SER A 668 5.16 8.97 -41.00
C SER A 668 4.84 7.75 -40.14
N VAL A 669 4.10 7.94 -39.06
CA VAL A 669 3.77 6.83 -38.17
C VAL A 669 2.78 5.89 -38.85
N ALA A 670 1.66 6.44 -39.32
CA ALA A 670 0.68 5.63 -40.01
C ALA A 670 1.29 4.95 -41.22
N ALA A 671 2.06 5.70 -42.01
CA ALA A 671 2.70 5.13 -43.19
C ALA A 671 3.61 3.99 -42.81
N LEU A 672 4.31 4.11 -41.69
CA LEU A 672 5.15 3.02 -41.23
C LEU A 672 4.30 1.78 -40.92
N ALA A 673 3.18 1.97 -40.22
CA ALA A 673 2.25 0.86 -39.99
C ALA A 673 1.83 0.19 -41.29
N ALA A 674 1.50 0.99 -42.31
CA ALA A 674 1.06 0.42 -43.58
C ALA A 674 2.17 -0.34 -44.30
N GLY A 675 3.42 0.01 -44.03
CA GLY A 675 4.54 -0.63 -44.72
C GLY A 675 5.04 -1.89 -44.08
N LEU A 676 4.57 -2.24 -42.89
CA LEU A 676 5.05 -3.42 -42.20
C LEU A 676 4.60 -4.66 -42.94
N SER A 677 5.55 -5.56 -43.23
CA SER A 677 5.19 -6.84 -43.81
C SER A 677 4.34 -7.65 -42.82
N ASP A 678 3.37 -8.38 -43.36
CA ASP A 678 2.42 -9.09 -42.49
C ASP A 678 3.16 -10.01 -41.53
N GLY A 679 2.76 -9.97 -40.26
CA GLY A 679 3.36 -10.81 -39.23
C GLY A 679 4.55 -10.23 -38.51
N ARG A 680 5.12 -9.13 -39.01
CA ARG A 680 6.24 -8.48 -38.32
C ARG A 680 5.72 -7.66 -37.15
N PRO A 681 6.10 -7.99 -35.90
CA PRO A 681 5.54 -7.27 -34.74
C PRO A 681 6.11 -5.87 -34.59
N ALA A 682 5.25 -4.96 -34.17
CA ALA A 682 5.67 -3.59 -33.94
C ALA A 682 4.71 -2.98 -32.93
N VAL A 683 5.23 -2.07 -32.10
CA VAL A 683 4.49 -1.48 -31.00
C VAL A 683 4.60 0.03 -31.11
N LEU A 684 3.47 0.71 -31.24
CA LEU A 684 3.39 2.16 -31.13
C LEU A 684 2.98 2.52 -29.71
N THR A 685 3.79 3.33 -29.05
CA THR A 685 3.51 3.77 -27.69
C THR A 685 3.43 5.29 -27.67
N VAL A 686 2.38 5.79 -27.04
CA VAL A 686 2.20 7.23 -26.82
C VAL A 686 2.25 7.46 -25.33
N ARG A 687 3.09 8.40 -24.91
CA ARG A 687 3.32 8.68 -23.49
C ARG A 687 3.11 10.15 -23.19
N ALA A 688 2.53 10.44 -22.04
CA ALA A 688 2.42 11.78 -21.50
C ALA A 688 3.42 11.87 -20.35
N VAL A 689 4.47 12.67 -20.53
CA VAL A 689 5.50 12.84 -19.53
C VAL A 689 5.49 14.30 -19.06
N LEU A 690 6.24 14.57 -18.00
CA LEU A 690 6.35 15.94 -17.50
C LEU A 690 7.19 16.79 -18.45
N GLY A 691 6.58 17.86 -18.95
CA GLY A 691 7.33 18.81 -19.76
C GLY A 691 8.42 19.53 -19.00
N ALA A 692 8.27 19.68 -17.69
CA ALA A 692 9.31 20.32 -16.90
C ALA A 692 9.37 19.70 -15.52
N ASP A 693 10.52 19.88 -14.86
CA ASP A 693 10.66 19.48 -13.47
C ASP A 693 9.47 19.99 -12.67
N SER A 694 8.92 19.11 -11.85
CA SER A 694 7.98 19.51 -10.81
C SER A 694 8.66 19.34 -9.47
N ALA A 695 7.90 19.59 -8.40
CA ALA A 695 8.42 19.44 -7.05
C ALA A 695 8.52 18.00 -6.62
N TRP A 696 7.94 17.07 -7.38
CA TRP A 696 7.92 15.66 -7.02
C TRP A 696 8.60 14.75 -8.03
N ALA A 697 9.06 15.27 -9.17
CA ALA A 697 9.74 14.46 -10.16
C ALA A 697 10.44 15.38 -11.15
N ASP A 698 11.36 14.80 -11.93
CA ASP A 698 12.08 15.53 -12.96
C ASP A 698 11.33 15.51 -14.29
N ALA A 699 11.70 16.43 -15.18
CA ALA A 699 11.13 16.45 -16.52
C ALA A 699 11.36 15.12 -17.22
N GLY A 700 10.38 14.68 -18.01
CA GLY A 700 10.44 13.38 -18.64
C GLY A 700 9.83 12.27 -17.83
N HIS A 701 9.45 12.52 -16.58
CA HIS A 701 8.79 11.50 -15.78
C HIS A 701 7.46 11.11 -16.41
N GLU A 702 7.21 9.81 -16.48
CA GLU A 702 6.04 9.30 -17.16
C GLU A 702 4.83 9.33 -16.23
N VAL A 703 3.72 9.87 -16.74
CA VAL A 703 2.47 9.96 -16.00
C VAL A 703 1.41 9.03 -16.57
N ALA A 704 1.31 8.97 -17.90
CA ALA A 704 0.29 8.17 -18.56
C ALA A 704 0.83 7.67 -19.88
N TRP A 705 0.16 6.65 -20.42
CA TRP A 705 0.63 6.03 -21.67
C TRP A 705 -0.47 5.15 -22.24
N GLY A 706 -0.37 4.94 -23.55
CA GLY A 706 -1.20 3.96 -24.25
C GLY A 706 -0.44 3.42 -25.45
N GLN A 707 -0.92 2.28 -25.93
CA GLN A 707 -0.22 1.51 -26.96
C GLN A 707 -1.20 0.99 -27.99
N SER A 708 -0.68 0.77 -29.20
CA SER A 708 -1.32 -0.07 -30.20
C SER A 708 -0.26 -1.02 -30.78
N VAL A 709 -0.60 -2.30 -30.81
CA VAL A 709 0.34 -3.37 -31.17
C VAL A 709 -0.10 -3.99 -32.50
N ARG A 710 0.86 -4.16 -33.39
CA ARG A 710 0.68 -5.04 -34.55
C ARG A 710 1.23 -6.41 -34.17
N GLU A 711 0.33 -7.35 -33.90
CA GLU A 711 0.73 -8.62 -33.36
C GLU A 711 1.55 -9.41 -34.38
N PRO A 712 2.47 -10.26 -33.91
CA PRO A 712 3.10 -11.21 -34.83
C PRO A 712 2.15 -12.33 -35.22
N GLY A 713 2.28 -12.78 -36.47
CA GLY A 713 1.47 -13.90 -36.92
C GLY A 713 1.80 -15.17 -36.14
N ALA A 714 0.77 -15.97 -35.88
CA ALA A 714 0.97 -17.24 -35.20
C ALA A 714 2.13 -17.99 -35.83
N PRO A 715 2.96 -18.67 -35.03
CA PRO A 715 4.15 -19.32 -35.61
C PRO A 715 3.74 -20.52 -36.46
N VAL A 716 4.43 -20.69 -37.59
CA VAL A 716 4.12 -21.80 -38.49
C VAL A 716 4.57 -23.11 -37.84
N PRO A 717 3.69 -24.07 -37.60
CA PRO A 717 4.15 -25.39 -37.14
C PRO A 717 5.06 -26.01 -38.17
N PRO A 718 6.14 -26.67 -37.74
CA PRO A 718 7.09 -27.22 -38.71
C PRO A 718 6.54 -28.44 -39.42
N ALA A 719 6.86 -28.56 -40.70
CA ALA A 719 6.41 -29.70 -41.48
C ALA A 719 6.86 -30.98 -40.79
N PRO A 720 5.97 -31.96 -40.61
CA PRO A 720 6.37 -33.21 -39.91
C PRO A 720 7.22 -34.12 -40.80
N VAL A 721 8.45 -33.67 -41.03
CA VAL A 721 9.48 -34.38 -41.86
C VAL A 721 10.43 -35.13 -40.92
N GLU A 722 11.08 -36.18 -41.45
CA GLU A 722 12.06 -37.11 -40.82
C GLU A 722 11.32 -38.08 -39.86
N PRO A 723 11.31 -39.41 -40.11
CA PRO A 723 10.59 -40.35 -39.25
C PRO A 723 11.28 -40.53 -37.89
N VAL A 724 10.51 -40.88 -36.86
CA VAL A 724 10.99 -41.08 -35.47
C VAL A 724 11.86 -42.35 -35.43
N GLN A 725 12.99 -42.29 -34.73
CA GLN A 725 13.95 -43.38 -34.57
C GLN A 725 13.65 -44.14 -33.30
N VAL A 726 13.60 -45.46 -33.39
CA VAL A 726 13.22 -46.29 -32.24
C VAL A 726 14.44 -47.06 -31.76
N GLN A 727 14.66 -47.06 -30.45
CA GLN A 727 15.70 -47.82 -29.79
C GLN A 727 15.11 -48.53 -28.59
N ASP A 728 15.96 -49.33 -27.93
CA ASP A 728 15.49 -50.16 -26.83
C ASP A 728 14.84 -49.32 -25.74
N SER A 729 15.51 -48.26 -25.28
CA SER A 729 15.00 -47.44 -24.19
C SER A 729 14.73 -46.00 -24.57
N GLU A 730 15.13 -45.55 -25.75
CA GLU A 730 14.95 -44.18 -26.17
C GLU A 730 14.28 -44.12 -27.53
N LEU A 731 13.57 -43.02 -27.74
CA LEU A 731 13.05 -42.64 -29.05
C LEU A 731 13.66 -41.30 -29.43
N THR A 732 13.98 -41.14 -30.71
CA THR A 732 14.60 -39.92 -31.20
C THR A 732 13.77 -39.33 -32.33
N LEU A 733 13.48 -38.03 -32.23
CA LEU A 733 12.70 -37.32 -33.25
C LEU A 733 13.39 -35.97 -33.49
N GLY A 734 14.33 -35.96 -34.42
CA GLY A 734 15.12 -34.77 -34.68
C GLY A 734 15.96 -34.44 -33.46
N PRO A 735 15.83 -33.21 -32.95
CA PRO A 735 16.64 -32.82 -31.79
C PRO A 735 16.10 -33.34 -30.45
N VAL A 736 14.89 -33.89 -30.42
CA VAL A 736 14.28 -34.34 -29.17
C VAL A 736 14.62 -35.81 -28.95
N VAL A 737 15.01 -36.12 -27.71
CA VAL A 737 15.21 -37.50 -27.29
C VAL A 737 14.19 -37.82 -26.21
N PHE A 738 13.49 -38.93 -26.37
CA PHE A 738 12.45 -39.33 -25.44
C PHE A 738 12.92 -40.55 -24.66
N SER A 739 12.41 -40.67 -23.43
CA SER A 739 12.51 -41.92 -22.70
C SER A 739 11.36 -42.80 -23.15
N ARG A 740 11.69 -44.01 -23.61
CA ARG A 740 10.64 -44.90 -24.08
C ARG A 740 9.78 -45.43 -22.93
N ALA A 741 10.33 -45.41 -21.70
CA ALA A 741 9.54 -45.78 -20.53
C ALA A 741 8.46 -44.76 -20.24
N THR A 742 8.85 -43.49 -20.09
CA THR A 742 7.92 -42.44 -19.70
C THR A 742 7.26 -41.77 -20.91
N GLY A 743 7.88 -41.88 -22.08
CA GLY A 743 7.39 -41.13 -23.23
C GLY A 743 7.62 -39.63 -23.14
N MET A 744 8.46 -39.17 -22.22
CA MET A 744 8.70 -37.75 -22.05
C MET A 744 10.07 -37.37 -22.59
N PRO A 745 10.26 -36.12 -23.04
CA PRO A 745 11.58 -35.73 -23.53
C PRO A 745 12.63 -35.84 -22.44
N THR A 746 13.82 -36.24 -22.84
CA THR A 746 14.98 -36.31 -21.96
C THR A 746 16.06 -35.31 -22.36
N SER A 747 15.97 -34.75 -23.55
CA SER A 747 16.80 -33.63 -23.98
C SER A 747 16.21 -33.07 -25.26
N ILE A 748 16.41 -31.77 -25.47
CA ILE A 748 16.01 -31.08 -26.69
C ILE A 748 17.23 -30.30 -27.15
N GLY A 749 17.81 -30.73 -28.27
CA GLY A 749 18.97 -30.05 -28.83
C GLY A 749 20.13 -29.96 -27.86
N GLY A 750 20.47 -31.07 -27.22
CA GLY A 750 21.52 -31.09 -26.22
C GLY A 750 21.17 -30.47 -24.88
N VAL A 751 19.97 -29.93 -24.71
CA VAL A 751 19.55 -29.37 -23.44
C VAL A 751 18.88 -30.47 -22.63
N PRO A 752 19.46 -30.90 -21.51
CA PRO A 752 18.84 -31.99 -20.75
C PRO A 752 17.51 -31.58 -20.16
N VAL A 753 16.50 -32.40 -20.40
CA VAL A 753 15.17 -32.24 -19.83
C VAL A 753 15.00 -33.30 -18.75
N GLU A 754 14.77 -32.86 -17.52
CA GLU A 754 14.62 -33.80 -16.42
C GLU A 754 13.17 -34.19 -16.17
N LYS A 755 12.22 -33.33 -16.54
CA LYS A 755 10.81 -33.66 -16.37
C LYS A 755 9.98 -32.71 -17.23
N LEU A 756 8.87 -33.24 -17.73
CA LEU A 756 7.85 -32.47 -18.41
C LEU A 756 6.50 -33.02 -17.96
N GLY A 757 5.59 -32.14 -17.58
CA GLY A 757 4.28 -32.61 -17.15
C GLY A 757 3.30 -31.47 -17.05
N LEU A 758 2.07 -31.82 -16.76
CA LEU A 758 1.01 -30.85 -16.63
C LEU A 758 1.08 -30.16 -15.27
N THR A 759 0.70 -28.89 -15.26
CA THR A 759 0.56 -28.14 -14.02
C THR A 759 -0.88 -27.69 -13.89
N LEU A 760 -1.43 -27.77 -12.68
CA LEU A 760 -2.73 -27.20 -12.35
C LEU A 760 -2.71 -26.36 -11.07
N TRP A 761 -1.55 -26.13 -10.48
CA TRP A 761 -1.40 -25.64 -9.13
C TRP A 761 -0.23 -24.67 -9.10
N TRP A 762 -0.32 -23.67 -8.21
CA TRP A 762 0.82 -22.80 -7.94
C TRP A 762 0.99 -22.65 -6.44
N ALA A 763 2.16 -22.18 -6.04
CA ALA A 763 2.42 -21.99 -4.60
C ALA A 763 1.51 -20.88 -4.08
N PRO A 764 0.58 -21.19 -3.16
CA PRO A 764 -0.46 -20.23 -2.79
C PRO A 764 0.08 -18.84 -2.46
N THR A 765 -0.60 -17.85 -3.01
CA THR A 765 -0.39 -16.46 -2.63
C THR A 765 -1.00 -16.19 -1.25
N ASP A 766 -0.65 -15.06 -0.66
CA ASP A 766 -1.34 -14.66 0.55
C ASP A 766 -2.84 -14.61 0.34
N ASN A 767 -3.28 -14.11 -0.82
CA ASN A 767 -4.71 -14.10 -1.11
C ASN A 767 -5.29 -15.50 -1.08
N ASP A 768 -4.59 -16.47 -1.70
CA ASP A 768 -5.10 -17.84 -1.68
C ASP A 768 -5.17 -18.42 -0.29
N LEU A 769 -4.46 -17.84 0.68
CA LEU A 769 -4.55 -18.35 2.05
C LEU A 769 -5.73 -17.78 2.81
N GLY A 770 -6.48 -16.84 2.23
CA GLY A 770 -7.61 -16.24 2.90
C GLY A 770 -8.93 -16.93 2.61
N ARG A 771 -9.82 -16.86 3.58
CA ARG A 771 -11.15 -17.48 3.51
C ARG A 771 -11.98 -16.75 2.47
N GLU A 772 -12.67 -17.48 1.60
CA GLU A 772 -13.58 -16.86 0.63
C GLU A 772 -14.97 -17.04 1.23
N TRP A 773 -15.48 -15.99 1.86
CA TRP A 773 -16.76 -15.99 2.54
C TRP A 773 -17.89 -16.11 1.52
N GLY A 774 -19.02 -16.65 1.98
CA GLY A 774 -20.11 -16.93 1.09
C GLY A 774 -20.03 -18.35 0.58
N GLY A 775 -21.17 -18.97 0.41
CA GLY A 775 -21.21 -20.38 0.11
C GLY A 775 -20.94 -21.23 1.34
N ALA A 776 -21.30 -22.52 1.22
CA ALA A 776 -21.05 -23.44 2.31
C ALA A 776 -19.57 -23.76 2.45
N ASP A 777 -18.73 -23.35 1.48
CA ASP A 777 -17.31 -23.67 1.49
C ASP A 777 -16.57 -22.39 1.76
N GLU A 778 -15.91 -22.35 2.91
CA GLU A 778 -15.09 -21.21 3.26
C GLU A 778 -13.65 -21.65 3.50
N ARG A 779 -13.29 -22.87 3.13
CA ARG A 779 -11.89 -23.22 3.09
C ARG A 779 -11.17 -22.22 2.19
N PRO A 780 -9.99 -21.74 2.57
CA PRO A 780 -9.17 -21.01 1.61
C PRO A 780 -8.88 -21.86 0.38
N LEU A 781 -8.68 -21.18 -0.75
CA LEU A 781 -8.33 -21.86 -1.97
C LEU A 781 -7.09 -22.72 -1.81
N ALA A 782 -6.09 -22.24 -1.05
CA ALA A 782 -4.90 -23.04 -0.81
C ALA A 782 -5.28 -24.38 -0.19
N THR A 783 -6.23 -24.36 0.74
CA THR A 783 -6.68 -25.58 1.38
C THR A 783 -7.51 -26.44 0.44
N GLN A 784 -8.38 -25.82 -0.35
CA GLN A 784 -9.14 -26.58 -1.36
C GLN A 784 -8.21 -27.34 -2.28
N TRP A 785 -7.14 -26.69 -2.73
CA TRP A 785 -6.15 -27.31 -3.59
C TRP A 785 -5.46 -28.48 -2.89
N LYS A 786 -5.00 -28.26 -1.65
CA LYS A 786 -4.34 -29.34 -0.93
C LYS A 786 -5.27 -30.52 -0.74
N ASP A 787 -6.51 -30.26 -0.33
CA ASP A 787 -7.45 -31.36 -0.14
C ASP A 787 -7.63 -32.12 -1.44
N ALA A 788 -7.61 -31.40 -2.57
CA ALA A 788 -7.91 -31.98 -3.87
C ALA A 788 -6.72 -32.68 -4.48
N GLY A 789 -5.52 -32.55 -3.90
CA GLY A 789 -4.32 -33.17 -4.40
C GLY A 789 -3.68 -32.45 -5.56
N LEU A 790 -4.03 -31.19 -5.78
CA LEU A 790 -3.56 -30.44 -6.97
C LEU A 790 -2.04 -30.24 -6.95
N ASN A 791 -1.43 -30.30 -5.78
CA ASN A 791 -0.01 -30.03 -5.61
C ASN A 791 0.82 -31.29 -5.74
N ARG A 792 0.18 -32.43 -5.97
CA ARG A 792 0.84 -33.73 -5.98
C ARG A 792 0.26 -34.58 -7.09
N LEU A 793 0.25 -34.02 -8.31
CA LEU A 793 -0.30 -34.72 -9.45
C LEU A 793 0.57 -35.91 -9.80
N HIS A 794 -0.09 -37.00 -10.18
CA HIS A 794 0.59 -38.18 -10.67
C HIS A 794 0.17 -38.42 -12.11
N THR A 795 1.09 -38.95 -12.91
CA THR A 795 0.84 -39.19 -14.33
C THR A 795 1.02 -40.66 -14.62
N ARG A 796 0.04 -41.21 -15.31
CA ARG A 796 0.11 -42.57 -15.83
C ARG A 796 0.19 -42.50 -17.35
N LEU A 797 1.11 -43.28 -17.93
CA LEU A 797 1.25 -43.39 -19.37
C LEU A 797 0.25 -44.41 -19.91
N LEU A 798 -0.50 -44.02 -20.95
CA LEU A 798 -1.49 -44.90 -21.54
C LEU A 798 -1.04 -45.52 -22.85
N GLY A 799 -0.24 -44.81 -23.63
CA GLY A 799 0.28 -45.35 -24.88
C GLY A 799 1.16 -44.32 -25.56
N ILE A 800 2.05 -44.83 -26.40
CA ILE A 800 2.91 -44.03 -27.27
C ILE A 800 2.78 -44.59 -28.67
N SER A 801 2.55 -43.73 -29.66
CA SER A 801 2.43 -44.20 -31.02
C SER A 801 2.98 -43.15 -31.97
N ALA A 802 3.58 -43.61 -33.07
CA ALA A 802 4.03 -42.76 -34.15
C ALA A 802 3.03 -42.83 -35.30
N ASN A 803 2.93 -41.75 -36.07
CA ASN A 803 1.95 -41.68 -37.13
C ASN A 803 2.56 -41.01 -38.35
N PRO A 804 2.10 -41.35 -39.55
CA PRO A 804 2.68 -40.75 -40.75
C PRO A 804 2.54 -39.24 -40.70
N GLY A 805 3.64 -38.55 -40.98
CA GLY A 805 3.69 -37.11 -41.02
C GLY A 805 3.71 -36.63 -42.47
N GLN A 806 4.90 -36.48 -43.03
CA GLN A 806 5.01 -35.88 -44.36
C GLN A 806 6.33 -36.28 -44.97
N ASP A 807 6.27 -36.94 -46.15
CA ASP A 807 7.46 -37.22 -46.95
C ASP A 807 8.45 -38.10 -46.19
N GLY A 808 7.93 -39.09 -45.49
CA GLY A 808 8.72 -39.94 -44.62
C GLY A 808 8.56 -39.61 -43.15
N GLY A 809 8.35 -38.34 -42.82
CA GLY A 809 8.33 -37.92 -41.43
C GLY A 809 7.25 -38.60 -40.63
N GLU A 810 7.26 -38.30 -39.33
CA GLU A 810 6.34 -38.93 -38.40
C GLU A 810 6.11 -37.97 -37.23
N THR A 811 4.85 -37.86 -36.80
CA THR A 811 4.57 -37.26 -35.51
C THR A 811 4.64 -38.34 -34.43
N LEU A 812 4.78 -37.91 -33.19
CA LEU A 812 4.81 -38.79 -32.03
C LEU A 812 3.75 -38.33 -31.05
N THR A 813 2.80 -39.21 -30.73
CA THR A 813 1.73 -38.88 -29.82
C THR A 813 1.90 -39.69 -28.54
N VAL A 814 1.97 -38.99 -27.41
CA VAL A 814 2.10 -39.60 -26.09
C VAL A 814 0.82 -39.30 -25.32
N ARG A 815 0.09 -40.36 -24.97
CA ARG A 815 -1.16 -40.26 -24.23
C ARG A 815 -0.91 -40.56 -22.76
N THR A 816 -1.40 -39.67 -21.89
CA THR A 816 -1.23 -39.80 -20.45
C THR A 816 -2.53 -39.43 -19.75
N ARG A 817 -2.66 -39.86 -18.50
CA ARG A 817 -3.72 -39.39 -17.63
C ARG A 817 -3.11 -38.86 -16.34
N VAL A 818 -3.63 -37.72 -15.89
CA VAL A 818 -3.11 -37.04 -14.72
C VAL A 818 -4.19 -37.03 -13.64
N SER A 819 -3.81 -37.43 -12.44
CA SER A 819 -4.72 -37.47 -11.32
C SER A 819 -3.90 -37.23 -10.06
N ALA A 820 -4.40 -37.66 -8.91
CA ALA A 820 -3.66 -37.57 -7.67
C ALA A 820 -4.09 -38.71 -6.79
N ALA A 821 -3.23 -39.09 -5.87
CA ALA A 821 -3.52 -40.24 -5.04
C ALA A 821 -4.85 -40.04 -4.32
N ASP A 822 -5.68 -41.06 -4.35
CA ASP A 822 -6.95 -41.15 -3.63
C ASP A 822 -8.07 -40.43 -4.37
N LYS A 823 -7.83 -39.88 -5.54
CA LYS A 823 -8.87 -39.20 -6.31
C LYS A 823 -9.27 -40.02 -7.53
N GLN A 824 -10.56 -39.94 -7.87
CA GLN A 824 -11.10 -40.57 -9.06
C GLN A 824 -11.12 -39.64 -10.27
N TYR A 825 -11.05 -38.32 -10.07
CA TYR A 825 -11.05 -37.40 -11.19
C TYR A 825 -9.65 -37.28 -11.79
N GLY A 826 -9.59 -36.97 -13.08
CA GLY A 826 -8.32 -36.83 -13.76
C GLY A 826 -8.47 -35.95 -14.99
N VAL A 827 -7.35 -35.69 -15.67
CA VAL A 827 -7.34 -35.13 -17.02
C VAL A 827 -6.53 -36.02 -17.96
N LEU A 828 -7.03 -36.21 -19.17
CA LEU A 828 -6.27 -36.89 -20.22
C LEU A 828 -5.42 -35.85 -20.92
N VAL A 829 -4.11 -36.07 -20.95
CA VAL A 829 -3.17 -35.14 -21.56
C VAL A 829 -2.42 -35.88 -22.66
N ASP A 830 -2.59 -35.44 -23.91
CA ASP A 830 -1.92 -36.03 -25.06
C ASP A 830 -0.94 -35.04 -25.67
N TYR A 831 0.32 -35.45 -25.79
CA TYR A 831 1.36 -34.64 -26.42
C TYR A 831 1.64 -35.19 -27.81
N THR A 832 1.45 -34.36 -28.84
CA THR A 832 1.83 -34.76 -30.19
C THR A 832 3.03 -33.93 -30.62
N TRP A 833 4.14 -34.61 -30.89
CA TRP A 833 5.40 -33.95 -31.22
C TRP A 833 5.65 -34.06 -32.72
N SER A 834 6.32 -33.05 -33.28
CA SER A 834 6.67 -33.02 -34.68
C SER A 834 7.92 -32.18 -34.85
N THR A 835 8.71 -32.49 -35.89
CA THR A 835 9.92 -31.72 -36.14
C THR A 835 10.33 -31.81 -37.61
N ASP A 836 10.90 -30.71 -38.09
CA ASP A 836 11.58 -30.72 -39.37
C ASP A 836 13.09 -30.77 -39.23
N GLY A 837 13.60 -31.11 -38.05
CA GLY A 837 15.02 -31.10 -37.78
C GLY A 837 15.52 -29.82 -37.13
N GLU A 838 14.79 -28.71 -37.31
CA GLU A 838 15.19 -27.42 -36.74
C GLU A 838 14.27 -27.04 -35.60
N THR A 839 13.00 -26.79 -35.86
CA THR A 839 12.04 -26.45 -34.83
C THR A 839 11.21 -27.67 -34.48
N VAL A 840 10.75 -27.70 -33.23
CA VAL A 840 9.94 -28.80 -32.71
C VAL A 840 8.54 -28.26 -32.49
N GLY A 841 7.54 -28.98 -33.01
CA GLY A 841 6.15 -28.65 -32.78
C GLY A 841 5.56 -29.49 -31.67
N LEU A 842 5.03 -28.84 -30.65
CA LEU A 842 4.36 -29.53 -29.55
C LEU A 842 2.93 -29.05 -29.46
N ARG A 843 1.99 -29.96 -29.70
CA ARG A 843 0.58 -29.70 -29.44
C ARG A 843 0.17 -30.48 -28.21
N THR A 844 -0.49 -29.81 -27.26
CA THR A 844 -0.98 -30.44 -26.03
C THR A 844 -2.50 -30.38 -26.01
N GLN A 845 -3.14 -31.49 -25.69
CA GLN A 845 -4.59 -31.58 -25.58
C GLN A 845 -4.94 -32.02 -24.17
N VAL A 846 -5.90 -31.33 -23.55
CA VAL A 846 -6.31 -31.60 -22.18
C VAL A 846 -7.80 -31.93 -22.19
N ARG A 847 -8.19 -33.01 -21.54
CA ARG A 847 -9.59 -33.38 -21.48
C ARG A 847 -9.94 -33.85 -20.08
N ARG A 848 -10.97 -33.23 -19.51
CA ARG A 848 -11.48 -33.63 -18.21
C ARG A 848 -11.93 -35.09 -18.24
N ASP A 849 -11.54 -35.82 -17.21
CA ASP A 849 -11.99 -37.18 -16.99
C ASP A 849 -12.63 -37.27 -15.61
N GLY A 850 -13.91 -37.59 -15.56
CA GLY A 850 -14.66 -37.61 -14.32
C GLY A 850 -15.00 -36.22 -13.79
N THR A 851 -15.75 -36.21 -12.70
CA THR A 851 -16.25 -34.96 -12.13
C THR A 851 -15.24 -34.44 -11.11
N TRP A 852 -14.79 -33.21 -11.32
CA TRP A 852 -13.76 -32.61 -10.47
C TRP A 852 -14.44 -31.98 -9.25
N VAL A 853 -14.86 -32.85 -8.34
CA VAL A 853 -15.47 -32.46 -7.08
C VAL A 853 -14.72 -33.16 -5.97
N ASN A 854 -14.46 -32.43 -4.89
CA ASN A 854 -13.75 -32.95 -3.73
C ASN A 854 -14.29 -32.30 -2.45
N ARG A 855 -14.55 -33.11 -1.44
CA ARG A 855 -15.12 -32.63 -0.20
C ARG A 855 -16.44 -31.93 -0.43
N GLY A 856 -17.18 -32.37 -1.45
CA GLY A 856 -18.49 -31.83 -1.72
C GLY A 856 -18.52 -30.55 -2.53
N PHE A 857 -17.37 -30.02 -2.94
CA PHE A 857 -17.33 -28.77 -3.69
C PHE A 857 -16.50 -28.92 -4.94
N GLU A 858 -16.87 -28.15 -5.95
CA GLU A 858 -16.13 -28.14 -7.19
C GLU A 858 -14.70 -27.68 -6.99
N VAL A 859 -13.77 -28.44 -7.53
CA VAL A 859 -12.36 -28.07 -7.52
C VAL A 859 -12.12 -26.99 -8.55
N GLU A 860 -11.33 -26.00 -8.21
CA GLU A 860 -10.89 -25.00 -9.17
C GLU A 860 -9.40 -25.18 -9.39
N TRP A 861 -8.93 -24.78 -10.56
CA TRP A 861 -7.52 -24.86 -10.91
C TRP A 861 -6.85 -23.49 -10.80
N ALA A 862 -5.55 -23.52 -10.51
CA ALA A 862 -4.71 -22.35 -10.63
C ALA A 862 -4.29 -22.06 -12.05
N ARG A 863 -4.25 -23.08 -12.92
CA ARG A 863 -3.62 -22.87 -14.21
C ARG A 863 -3.91 -24.11 -15.07
N ILE A 864 -3.67 -23.96 -16.37
CA ILE A 864 -3.52 -25.10 -17.28
C ILE A 864 -2.22 -24.83 -18.02
N GLY A 865 -1.17 -25.55 -17.68
CA GLY A 865 0.10 -25.30 -18.30
C GLY A 865 1.03 -26.50 -18.26
N LEU A 866 2.29 -26.24 -18.62
CA LEU A 866 3.34 -27.23 -18.60
C LEU A 866 4.50 -26.74 -17.73
N GLU A 867 5.12 -27.66 -17.01
CA GLU A 867 6.38 -27.43 -16.32
C GLU A 867 7.48 -28.18 -17.04
N PHE A 868 8.40 -27.45 -17.68
CA PHE A 868 9.63 -28.02 -18.15
C PHE A 868 10.70 -27.84 -17.08
N VAL A 869 11.34 -28.93 -16.70
CA VAL A 869 12.46 -28.90 -15.76
C VAL A 869 13.72 -29.22 -16.55
N LEU A 870 14.60 -28.24 -16.66
CA LEU A 870 15.82 -28.39 -17.45
C LEU A 870 17.02 -28.61 -16.53
N GLY A 871 17.97 -29.41 -17.01
CA GLY A 871 19.08 -29.82 -16.18
C GLY A 871 20.26 -28.87 -16.25
N GLU A 872 19.99 -27.61 -16.53
CA GLU A 872 21.03 -26.60 -16.58
C GLU A 872 20.43 -25.29 -16.11
N GLU A 873 21.30 -24.42 -15.56
CA GLU A 873 20.86 -23.11 -15.10
C GLU A 873 20.59 -22.18 -16.28
N THR A 874 19.86 -21.11 -15.97
CA THR A 874 19.54 -20.06 -16.93
C THR A 874 20.16 -18.76 -16.44
N GLU A 875 20.86 -18.07 -17.34
CA GLU A 875 21.40 -16.76 -17.00
C GLU A 875 20.45 -15.64 -17.35
N LEU A 876 19.74 -15.76 -18.47
CA LEU A 876 18.98 -14.66 -19.02
C LEU A 876 17.65 -15.15 -19.56
N VAL A 877 16.62 -14.33 -19.40
CA VAL A 877 15.29 -14.59 -19.94
C VAL A 877 14.87 -13.38 -20.77
N SER A 878 14.46 -13.64 -22.01
CA SER A 878 13.94 -12.61 -22.90
C SER A 878 12.59 -13.04 -23.42
N TRP A 879 11.73 -12.07 -23.71
CA TRP A 879 10.43 -12.41 -24.27
C TRP A 879 9.86 -11.21 -25.00
N PHE A 880 8.91 -11.50 -25.88
CA PHE A 880 8.03 -10.51 -26.44
C PHE A 880 6.65 -10.74 -25.83
N GLY A 881 6.11 -9.68 -25.20
CA GLY A 881 4.85 -9.78 -24.48
C GLY A 881 4.62 -8.57 -23.60
N GLN A 882 4.15 -8.81 -22.37
CA GLN A 882 3.86 -7.73 -21.44
C GLN A 882 4.99 -7.62 -20.43
N GLY A 883 5.36 -6.40 -20.06
CA GLY A 883 6.46 -6.24 -19.14
C GLY A 883 6.78 -4.82 -18.74
N PRO A 884 7.90 -4.65 -18.00
CA PRO A 884 8.82 -5.74 -17.62
C PRO A 884 8.36 -6.61 -16.43
N HIS A 885 7.45 -6.13 -15.60
CA HIS A 885 7.09 -6.86 -14.39
C HIS A 885 5.99 -7.89 -14.67
N GLN A 886 5.66 -8.67 -13.64
CA GLN A 886 4.70 -9.76 -13.76
C GLN A 886 3.31 -9.26 -14.14
N SER A 887 2.50 -10.17 -14.65
CA SER A 887 1.11 -9.91 -14.96
C SER A 887 0.31 -11.20 -14.83
N TYR A 888 -0.85 -11.10 -14.19
CA TYR A 888 -1.79 -12.20 -14.04
C TYR A 888 -3.09 -11.70 -14.62
N PRO A 889 -4.08 -12.57 -14.84
CA PRO A 889 -5.30 -12.11 -15.55
C PRO A 889 -5.95 -10.85 -14.98
N ASP A 890 -5.98 -10.69 -13.66
CA ASP A 890 -6.61 -9.53 -13.05
C ASP A 890 -5.59 -8.53 -12.51
N THR A 891 -4.37 -8.57 -13.00
CA THR A 891 -3.34 -7.57 -12.67
C THR A 891 -2.57 -7.27 -13.95
N GLY A 892 -1.36 -6.74 -13.79
CA GLY A 892 -0.51 -6.38 -14.91
C GLY A 892 -0.96 -5.20 -15.72
N GLN A 893 -1.87 -4.36 -15.19
CA GLN A 893 -2.23 -3.14 -15.92
C GLN A 893 -0.98 -2.34 -16.27
N GLY A 894 -0.01 -2.31 -15.37
CA GLY A 894 1.25 -1.62 -15.60
C GLY A 894 2.20 -2.29 -16.56
N ALA A 895 1.97 -3.56 -16.91
CA ALA A 895 2.84 -4.22 -17.88
C ALA A 895 2.43 -3.78 -19.27
N ARG A 896 3.37 -3.24 -20.03
CA ARG A 896 3.08 -2.78 -21.37
C ARG A 896 3.65 -3.77 -22.38
N ALA A 897 3.18 -3.66 -23.62
CA ALA A 897 3.68 -4.51 -24.69
C ALA A 897 5.07 -4.07 -25.12
N GLY A 898 5.95 -5.03 -25.41
CA GLY A 898 7.27 -4.72 -25.88
C GLY A 898 8.19 -5.93 -25.80
N TRP A 899 9.48 -5.65 -25.96
CA TRP A 899 10.54 -6.67 -25.85
C TRP A 899 11.30 -6.44 -24.55
N PHE A 900 11.48 -7.51 -23.78
CA PHE A 900 12.10 -7.40 -22.47
C PHE A 900 13.15 -8.48 -22.28
N SER A 901 14.09 -8.19 -21.39
CA SER A 901 15.19 -9.12 -21.13
C SER A 901 15.70 -8.86 -19.73
N LEU A 902 15.77 -9.92 -18.92
CA LEU A 902 16.16 -9.77 -17.53
C LEU A 902 16.98 -10.96 -17.09
N PRO A 903 17.97 -10.76 -16.22
CA PRO A 903 18.65 -11.91 -15.60
C PRO A 903 17.66 -12.71 -14.77
N LEU A 904 17.94 -14.00 -14.64
CA LEU A 904 17.00 -14.91 -13.97
C LEU A 904 16.54 -14.33 -12.63
N ALA A 905 17.49 -13.88 -11.82
CA ALA A 905 17.14 -13.40 -10.48
C ALA A 905 16.15 -12.24 -10.53
N LYS A 906 16.25 -11.39 -11.55
CA LYS A 906 15.38 -10.23 -11.67
C LYS A 906 14.00 -10.57 -12.22
N MET A 907 13.75 -11.83 -12.59
CA MET A 907 12.40 -12.26 -12.95
C MET A 907 11.54 -12.49 -11.71
N ASP A 908 12.18 -12.69 -10.56
CA ASP A 908 11.50 -13.04 -9.33
C ASP A 908 10.98 -11.76 -8.67
N VAL A 909 10.15 -11.94 -7.65
CA VAL A 909 9.59 -10.83 -6.88
C VAL A 909 9.85 -11.12 -5.40
N GLU A 910 10.47 -10.17 -4.71
CA GLU A 910 11.00 -10.44 -3.37
C GLU A 910 9.92 -10.19 -2.30
N TYR A 911 8.79 -10.88 -2.44
CA TYR A 911 7.78 -10.85 -1.38
C TYR A 911 8.36 -11.40 -0.09
N VAL A 912 7.93 -10.85 1.04
CA VAL A 912 8.54 -11.26 2.30
C VAL A 912 8.31 -12.75 2.53
N ARG A 913 7.08 -13.21 2.38
CA ARG A 913 6.79 -14.64 2.36
C ARG A 913 6.78 -15.14 0.92
N PRO A 914 7.68 -16.03 0.52
CA PRO A 914 7.70 -16.45 -0.89
C PRO A 914 6.39 -17.12 -1.32
N GLN A 915 5.98 -16.85 -2.54
CA GLN A 915 4.70 -17.32 -3.05
C GLN A 915 4.70 -17.21 -4.55
N GLU A 916 3.65 -17.75 -5.18
CA GLU A 916 3.55 -17.64 -6.62
C GLU A 916 3.72 -16.20 -7.04
N CYS A 917 4.54 -15.98 -8.06
CA CYS A 917 4.86 -14.65 -8.56
C CYS A 917 5.81 -14.79 -9.72
N GLY A 918 5.90 -13.75 -10.52
CA GLY A 918 6.86 -13.74 -11.61
C GLY A 918 6.32 -14.19 -12.94
N ALA A 919 5.07 -14.63 -13.02
CA ALA A 919 4.49 -14.98 -14.32
C ALA A 919 4.37 -13.74 -15.19
N ARG A 920 4.61 -13.92 -16.48
CA ARG A 920 4.52 -12.89 -17.50
C ARG A 920 3.42 -13.31 -18.47
N SER A 921 2.20 -12.85 -18.23
CA SER A 921 1.10 -13.19 -19.12
C SER A 921 1.20 -12.43 -20.44
N GLY A 922 0.56 -12.98 -21.47
CA GLY A 922 0.53 -12.35 -22.76
C GLY A 922 1.82 -12.48 -23.53
N SER A 923 2.57 -13.55 -23.29
CA SER A 923 3.82 -13.75 -24.02
C SER A 923 3.51 -14.40 -25.37
N ARG A 924 4.17 -13.89 -26.41
CA ARG A 924 4.09 -14.49 -27.74
C ARG A 924 5.34 -15.29 -28.09
N SER A 925 6.48 -14.94 -27.49
CA SER A 925 7.73 -15.63 -27.76
C SER A 925 8.63 -15.49 -26.55
N ALA A 926 9.55 -16.42 -26.38
CA ALA A 926 10.42 -16.40 -25.22
C ALA A 926 11.75 -17.03 -25.58
N ALA A 927 12.79 -16.60 -24.88
CA ALA A 927 14.13 -17.10 -25.12
C ALA A 927 14.86 -17.23 -23.79
N LEU A 928 15.28 -18.44 -23.46
CA LEU A 928 16.08 -18.70 -22.27
C LEU A 928 17.52 -18.96 -22.71
N GLN A 929 18.46 -18.19 -22.17
CA GLN A 929 19.87 -18.45 -22.42
C GLN A 929 20.36 -19.39 -21.35
N LEU A 930 20.69 -20.62 -21.76
CA LEU A 930 21.22 -21.68 -20.90
C LEU A 930 22.69 -21.87 -21.29
N GLY A 931 23.57 -21.09 -20.66
CA GLY A 931 24.98 -21.17 -20.93
C GLY A 931 25.31 -20.75 -22.33
N GLY A 932 25.65 -21.72 -23.19
CA GLY A 932 26.06 -21.42 -24.55
C GLY A 932 24.93 -21.55 -25.55
N ARG A 933 23.87 -22.25 -25.18
CA ARG A 933 22.72 -22.43 -26.05
C ARG A 933 21.59 -21.50 -25.62
N THR A 934 20.61 -21.35 -26.50
CA THR A 934 19.41 -20.56 -26.22
C THR A 934 18.20 -21.40 -26.62
N LEU A 935 17.23 -21.48 -25.70
CA LEU A 935 15.98 -22.19 -25.94
C LEU A 935 14.90 -21.17 -26.27
N GLU A 936 14.25 -21.36 -27.41
CA GLU A 936 13.22 -20.44 -27.89
C GLU A 936 11.86 -21.13 -27.88
N ILE A 937 10.85 -20.42 -27.37
CA ILE A 937 9.46 -20.89 -27.31
C ILE A 937 8.58 -19.86 -27.99
N CYS A 938 7.77 -20.31 -28.94
CA CYS A 938 6.76 -19.46 -29.55
C CYS A 938 5.43 -20.18 -29.53
N GLY A 939 4.40 -19.44 -29.88
CA GLY A 939 3.06 -19.96 -29.94
C GLY A 939 2.06 -18.87 -29.66
N ASP A 940 0.78 -19.27 -29.66
CA ASP A 940 -0.29 -18.40 -29.23
C ASP A 940 -0.03 -17.94 -27.80
N PRO A 941 -0.67 -16.86 -27.38
CA PRO A 941 -0.39 -16.28 -26.06
C PRO A 941 -0.24 -17.30 -24.94
N PHE A 942 0.87 -17.25 -24.22
CA PHE A 942 1.08 -18.07 -23.05
C PHE A 942 1.67 -17.19 -21.95
N ALA A 943 1.52 -17.64 -20.70
CA ALA A 943 2.25 -17.01 -19.62
C ALA A 943 3.59 -17.71 -19.43
N LEU A 944 4.59 -16.93 -19.03
CA LEU A 944 5.97 -17.37 -18.90
C LEU A 944 6.45 -17.15 -17.46
N THR A 945 7.05 -18.19 -16.88
CA THR A 945 7.72 -18.10 -15.59
C THR A 945 9.00 -18.93 -15.63
N VAL A 946 10.07 -18.40 -15.05
CA VAL A 946 11.33 -19.13 -15.02
C VAL A 946 11.91 -18.96 -13.63
N ARG A 947 12.21 -20.07 -12.97
CA ARG A 947 12.72 -20.07 -11.61
C ARG A 947 13.94 -20.97 -11.49
N PRO A 948 14.86 -20.66 -10.58
CA PRO A 948 15.93 -21.61 -10.22
C PRO A 948 15.57 -22.61 -9.13
N TYR A 949 14.31 -22.68 -8.70
CA TYR A 949 13.88 -23.64 -7.68
C TYR A 949 12.47 -24.09 -8.02
N SER A 950 12.04 -25.19 -7.41
CA SER A 950 10.76 -25.81 -7.72
C SER A 950 9.61 -25.13 -6.99
N GLN A 951 8.39 -25.54 -7.34
CA GLN A 951 7.21 -25.00 -6.67
C GLN A 951 7.14 -25.48 -5.22
N ASP A 952 7.55 -26.71 -4.96
CA ASP A 952 7.51 -27.21 -3.60
C ASP A 952 8.48 -26.44 -2.70
N VAL A 953 9.63 -26.06 -3.25
CA VAL A 953 10.58 -25.24 -2.50
C VAL A 953 9.99 -23.86 -2.26
N LEU A 954 9.25 -23.34 -3.24
CA LEU A 954 8.63 -22.03 -3.11
C LEU A 954 7.51 -22.05 -2.09
N ASP A 955 6.65 -23.06 -2.14
CA ASP A 955 5.55 -23.13 -1.18
C ASP A 955 6.07 -23.31 0.24
N ALA A 956 7.12 -24.12 0.42
CA ALA A 956 7.61 -24.42 1.77
C ALA A 956 8.25 -23.21 2.43
N ALA A 957 8.80 -22.29 1.65
CA ALA A 957 9.62 -21.22 2.20
C ALA A 957 8.76 -20.21 2.93
N ALA A 958 9.18 -19.85 4.15
CA ALA A 958 8.52 -18.77 4.89
C ALA A 958 9.26 -17.45 4.77
N HIS A 959 10.56 -17.48 4.48
CA HIS A 959 11.32 -16.27 4.24
C HIS A 959 12.21 -16.51 3.04
N ARG A 960 12.63 -15.41 2.41
CA ARG A 960 13.39 -15.53 1.18
C ARG A 960 14.66 -16.35 1.33
N PRO A 961 15.37 -16.33 2.46
CA PRO A 961 16.58 -17.16 2.57
C PRO A 961 16.32 -18.65 2.40
N ASP A 962 15.07 -19.13 2.55
CA ASP A 962 14.79 -20.55 2.38
C ASP A 962 14.73 -20.98 0.91
N LEU A 963 14.85 -20.05 -0.02
CA LEU A 963 14.78 -20.35 -1.44
C LEU A 963 16.18 -20.70 -1.92
N LYS A 964 16.44 -21.97 -2.15
CA LYS A 964 17.74 -22.45 -2.58
C LYS A 964 17.66 -22.85 -4.04
N ALA A 965 18.59 -22.34 -4.84
CA ALA A 965 18.73 -22.82 -6.20
C ALA A 965 19.34 -24.21 -6.16
N ASP A 966 18.92 -25.06 -7.12
CA ASP A 966 19.41 -26.44 -7.21
C ASP A 966 20.09 -26.71 -8.53
N GLY A 967 20.47 -25.67 -9.27
CA GLY A 967 21.15 -25.87 -10.54
C GLY A 967 20.26 -26.24 -11.71
N ARG A 968 18.95 -26.27 -11.51
CA ARG A 968 18.03 -26.58 -12.57
C ARG A 968 17.36 -25.29 -13.07
N THR A 969 16.53 -25.44 -14.10
CA THR A 969 15.67 -24.38 -14.59
C THR A 969 14.25 -24.89 -14.60
N TYR A 970 13.35 -24.19 -13.89
CA TYR A 970 11.93 -24.54 -13.87
C TYR A 970 11.20 -23.54 -14.76
N LEU A 971 10.82 -24.01 -15.95
CA LEU A 971 10.17 -23.19 -16.97
C LEU A 971 8.70 -23.54 -17.00
N TYR A 972 7.85 -22.56 -16.78
CA TYR A 972 6.40 -22.75 -16.79
C TYR A 972 5.80 -22.03 -17.99
N VAL A 973 5.06 -22.77 -18.79
CA VAL A 973 4.35 -22.25 -19.95
C VAL A 973 2.89 -22.56 -19.72
N ASP A 974 2.08 -21.53 -19.56
CA ASP A 974 0.69 -21.68 -19.16
C ASP A 974 -0.22 -21.23 -20.28
N HIS A 975 -1.15 -22.10 -20.65
CA HIS A 975 -2.19 -21.71 -21.58
C HIS A 975 -3.26 -20.88 -20.89
N ALA A 976 -3.47 -21.11 -19.59
CA ALA A 976 -4.47 -20.37 -18.82
C ALA A 976 -3.98 -20.22 -17.39
N LEU A 977 -4.32 -19.08 -16.78
CA LEU A 977 -4.02 -18.76 -15.40
C LEU A 977 -5.30 -18.31 -14.72
N ARG A 978 -5.37 -18.58 -13.42
CA ARG A 978 -6.35 -17.98 -12.55
C ARG A 978 -5.91 -16.55 -12.22
N GLY A 979 -6.85 -15.73 -11.78
CA GLY A 979 -6.55 -14.44 -11.21
C GLY A 979 -5.99 -14.60 -9.79
N VAL A 980 -5.58 -13.48 -9.22
CA VAL A 980 -5.03 -13.47 -7.86
C VAL A 980 -5.95 -12.79 -6.87
N GLY A 981 -6.82 -11.89 -7.31
CA GLY A 981 -7.88 -11.34 -6.45
C GLY A 981 -7.31 -10.54 -5.27
N THR A 982 -8.09 -10.47 -4.18
CA THR A 982 -7.59 -9.85 -2.95
C THR A 982 -8.19 -10.57 -1.73
N ALA A 983 -8.32 -11.90 -1.82
CA ALA A 983 -9.04 -12.65 -0.79
C ALA A 983 -8.36 -12.62 0.58
N ALA A 984 -7.11 -12.20 0.70
CA ALA A 984 -6.54 -12.09 2.03
C ALA A 984 -7.36 -11.15 2.90
N CYS A 985 -8.01 -10.16 2.28
CA CYS A 985 -8.92 -9.25 2.97
C CYS A 985 -9.75 -8.49 1.93
N GLY A 986 -11.02 -8.89 1.78
CA GLY A 986 -11.86 -8.40 0.71
C GLY A 986 -12.14 -9.42 -0.38
N PRO A 987 -12.53 -8.93 -1.56
CA PRO A 987 -12.98 -9.85 -2.61
C PRO A 987 -11.90 -10.81 -3.09
N GLY A 988 -12.36 -12.01 -3.41
CA GLY A 988 -11.56 -12.98 -4.11
C GLY A 988 -11.52 -12.67 -5.58
N VAL A 989 -11.08 -13.65 -6.35
CA VAL A 989 -10.98 -13.51 -7.79
C VAL A 989 -12.38 -13.28 -8.34
N LEU A 990 -12.51 -12.31 -9.25
CA LEU A 990 -13.80 -12.08 -9.89
C LEU A 990 -14.14 -13.24 -10.83
N GLU A 991 -15.44 -13.45 -11.04
CA GLU A 991 -15.92 -14.60 -11.80
C GLU A 991 -15.18 -14.77 -13.12
N GLN A 992 -15.00 -13.66 -13.85
CA GLN A 992 -14.41 -13.73 -15.18
C GLN A 992 -12.96 -14.21 -15.16
N TYR A 993 -12.30 -14.21 -14.00
CA TYR A 993 -10.91 -14.64 -13.91
C TYR A 993 -10.75 -15.94 -13.14
N ARG A 994 -11.85 -16.55 -12.75
CA ARG A 994 -11.83 -17.88 -12.08
C ARG A 994 -11.46 -18.92 -13.15
N LEU A 995 -11.08 -20.12 -12.76
CA LEU A 995 -10.60 -21.13 -13.70
C LEU A 995 -11.19 -22.49 -13.29
N LYS A 996 -12.39 -22.76 -13.73
CA LYS A 996 -13.00 -24.06 -13.47
C LYS A 996 -12.41 -25.12 -14.40
N PRO A 997 -12.30 -26.37 -13.95
CA PRO A 997 -11.82 -27.43 -14.84
C PRO A 997 -12.53 -27.39 -16.18
N ARG A 998 -11.77 -27.57 -17.25
CA ARG A 998 -12.34 -27.56 -18.59
C ARG A 998 -11.36 -28.23 -19.54
N ASP A 999 -11.83 -28.45 -20.77
CA ASP A 999 -10.98 -28.99 -21.83
C ASP A 999 -10.19 -27.86 -22.46
N ALA A 1000 -9.04 -28.19 -23.02
CA ALA A 1000 -8.16 -27.15 -23.57
C ALA A 1000 -7.19 -27.78 -24.55
N ASP A 1001 -6.69 -26.95 -25.47
CA ASP A 1001 -5.71 -27.38 -26.46
C ASP A 1001 -4.83 -26.20 -26.80
N PHE A 1002 -3.53 -26.45 -26.96
CA PHE A 1002 -2.63 -25.37 -27.35
C PHE A 1002 -1.38 -25.92 -28.01
N ILE A 1003 -0.84 -25.12 -28.93
CA ILE A 1003 0.35 -25.45 -29.71
C ILE A 1003 1.51 -24.60 -29.25
N LEU A 1004 2.70 -25.17 -29.33
CA LEU A 1004 3.93 -24.41 -29.09
C LEU A 1004 4.96 -24.89 -30.10
N THR A 1005 5.97 -24.04 -30.35
CA THR A 1005 7.15 -24.47 -31.07
C THR A 1005 8.37 -24.21 -30.20
N LEU A 1006 9.34 -25.11 -30.30
CA LEU A 1006 10.58 -25.02 -29.55
C LEU A 1006 11.75 -25.08 -30.51
N LYS A 1007 12.85 -24.42 -30.15
CA LYS A 1007 14.05 -24.48 -30.99
C LYS A 1007 15.25 -24.06 -30.17
N VAL A 1008 16.35 -24.79 -30.34
CA VAL A 1008 17.58 -24.54 -29.60
C VAL A 1008 18.61 -24.01 -30.58
N ARG A 1009 19.12 -22.80 -30.30
CA ARG A 1009 20.23 -22.22 -31.02
C ARG A 1009 21.49 -22.37 -30.20
N SER A 1010 22.59 -22.70 -30.87
CA SER A 1010 23.88 -22.78 -30.21
C SER A 1010 24.75 -21.61 -30.63
#